data_5BR6
#
_entry.id   5BR6
#
_cell.length_a   113.670
_cell.length_b   113.670
_cell.length_c   163.160
_cell.angle_alpha   90.000
_cell.angle_beta   90.000
_cell.angle_gamma   120.000
#
_symmetry.space_group_name_H-M   'P 3'
#
loop_
_entity.id
_entity.type
_entity.pdbx_description
1 polymer 'HEMAGGLUTININ HA1 CHAIN'
2 polymer 'HEMAGGLUTININ HA2 CHAIN'
3 branched 'N-acetyl-alpha-neuraminic acid-(2-6)-beta-D-galactopyranose-(1-4)-2-acetamido-2-deoxy-beta-D-glucopyranose'
4 branched alpha-D-mannopyranose-(1-3)-[alpha-D-mannopyranose-(1-6)]beta-D-mannopyranose-(1-4)-2-acetamido-2-deoxy-beta-D-glucopyranose-(1-4)-[alpha-L-fucopyranose-(1-3)]2-acetamido-2-deoxy-beta-D-glucopyranose
5 non-polymer 2-acetamido-2-deoxy-beta-D-glucopyranose
6 water water
#
loop_
_entity_poly.entity_id
_entity_poly.type
_entity_poly.pdbx_seq_one_letter_code
_entity_poly.pdbx_strand_id
1 'polypeptide(L)'
;DKICIGYHANNSTTQVDTLLEKNVTVTHSVELLENQKEKRFCKIMNKAPLDLKDCTIEGWILGNPKCDLLLGDQSWSYIV
ERPNAQNGICYPGVLNELEELKAFIGSGERVERFEMFPKSTWAGVDTSRGVTNACPSYTIDSSFYRNLVWIVKTDSATYP
VIKGTYNNTGTQPILYFWGVHHPLDTTVQDNLYGSGDKYVRMGTESMNFAKSPEIAARPAVNGQRSRIDYYWSVLRPGET
LNVESNGNLIAPWYAYKFVSTNKKGAVFKSDLPIENCDATCQTITGVLRTNKTFQNVSPLWIGECPKYVKSESLRLATGL
RNVPQI
;
A,C
2 'polypeptide(L)'
;GIFGAIAGFIEGGWTGMIDGWYGYHHENSQGSGYAADRESTQKAIDGITNKVNSIINKMNTQFEAVDHEFSNLERRIGNL
NKRMEDGFLDVWTYNAELLVLLENERTLDLHDANVKNLYEKVKSQLRDNANDLGNGCFEFWHKCDNECMESVKNGTYDYP
KYQKESKLNRQ
;
B,D
#
# COMPACT_ATOMS: atom_id res chain seq x y z
N ASP A 1 -93.42 43.01 11.35
CA ASP A 1 -92.06 43.33 11.74
C ASP A 1 -91.49 42.25 12.68
N LYS A 2 -90.36 41.68 12.27
CA LYS A 2 -89.79 40.54 12.98
C LYS A 2 -88.26 40.65 13.13
N ILE A 3 -87.74 40.09 14.20
CA ILE A 3 -86.31 39.83 14.31
C ILE A 3 -86.13 38.41 14.85
N CYS A 4 -85.18 37.69 14.26
CA CYS A 4 -84.93 36.30 14.65
C CYS A 4 -83.46 36.13 15.02
N ILE A 5 -83.21 35.22 15.97
CA ILE A 5 -81.84 34.88 16.33
C ILE A 5 -81.52 33.54 15.69
N GLY A 6 -80.32 33.41 15.14
CA GLY A 6 -79.94 32.19 14.45
C GLY A 6 -78.45 31.99 14.31
N TYR A 7 -78.07 30.92 13.62
CA TYR A 7 -76.67 30.53 13.52
C TYR A 7 -76.29 30.14 12.09
N HIS A 8 -74.99 30.16 11.83
CA HIS A 8 -74.43 29.90 10.51
C HIS A 8 -74.66 28.48 10.00
N ALA A 9 -74.96 28.36 8.71
CA ALA A 9 -74.93 27.09 8.01
C ALA A 9 -74.22 27.28 6.67
N ASN A 10 -73.66 26.19 6.12
CA ASN A 10 -72.99 26.26 4.83
C ASN A 10 -73.07 24.92 4.09
N ASN A 11 -72.23 24.73 3.08
CA ASN A 11 -72.35 23.53 2.25
C ASN A 11 -71.33 22.45 2.65
N SER A 12 -70.77 22.59 3.85
CA SER A 12 -69.81 21.61 4.36
C SER A 12 -70.41 20.22 4.54
N THR A 13 -69.64 19.21 4.15
CA THR A 13 -70.02 17.82 4.40
C THR A 13 -68.94 17.17 5.25
N THR A 14 -67.98 17.99 5.69
CA THR A 14 -66.89 17.52 6.54
C THR A 14 -67.40 17.21 7.95
N GLN A 15 -67.05 16.04 8.46
CA GLN A 15 -67.59 15.59 9.74
C GLN A 15 -66.52 15.38 10.80
N VAL A 16 -66.95 15.42 12.06
CA VAL A 16 -66.08 15.12 13.20
C VAL A 16 -66.79 14.13 14.11
N ASP A 17 -66.02 13.55 15.03
CA ASP A 17 -66.60 12.68 16.05
C ASP A 17 -66.49 13.35 17.42
N THR A 18 -67.46 13.06 18.28
CA THR A 18 -67.40 13.50 19.67
C THR A 18 -67.58 12.29 20.57
N LEU A 19 -67.42 12.48 21.87
CA LEU A 19 -67.68 11.42 22.83
C LEU A 19 -69.14 10.97 22.74
N LEU A 20 -70.03 11.90 22.45
CA LEU A 20 -71.47 11.62 22.46
C LEU A 20 -71.98 11.12 21.10
N GLU A 21 -71.36 11.57 20.02
CA GLU A 21 -71.89 11.31 18.69
C GLU A 21 -70.81 11.16 17.63
N LYS A 22 -70.95 10.17 16.76
CA LYS A 22 -70.02 9.98 15.64
C LYS A 22 -70.59 10.68 14.42
N ASN A 23 -69.73 11.03 13.46
CA ASN A 23 -70.18 11.62 12.20
C ASN A 23 -71.02 12.89 12.35
N VAL A 24 -70.51 13.89 13.04
CA VAL A 24 -71.24 15.16 13.13
C VAL A 24 -70.69 16.13 12.09
N THR A 25 -71.56 16.58 11.19
CA THR A 25 -71.18 17.53 10.16
C THR A 25 -71.07 18.93 10.76
N VAL A 26 -69.94 19.58 10.55
CA VAL A 26 -69.71 20.90 11.12
C VAL A 26 -69.35 21.91 10.04
N THR A 27 -69.69 23.17 10.29
CA THR A 27 -69.47 24.24 9.32
C THR A 27 -67.98 24.52 9.10
N HIS A 28 -67.19 24.33 10.15
CA HIS A 28 -65.75 24.58 10.08
C HIS A 28 -64.99 23.60 10.97
N SER A 29 -63.84 23.15 10.48
CA SER A 29 -63.02 22.21 11.22
C SER A 29 -61.58 22.24 10.71
N VAL A 30 -60.67 21.64 11.47
CA VAL A 30 -59.26 21.60 11.09
C VAL A 30 -58.69 20.21 11.32
N GLU A 31 -58.00 19.68 10.33
CA GLU A 31 -57.31 18.39 10.45
C GLU A 31 -55.92 18.60 11.02
N LEU A 32 -55.63 17.92 12.13
CA LEU A 32 -54.36 18.10 12.82
C LEU A 32 -53.31 17.06 12.41
N LEU A 33 -53.74 16.01 11.71
CA LEU A 33 -52.84 14.91 11.37
C LEU A 33 -52.46 14.90 9.90
N GLU A 34 -51.16 14.72 9.64
CA GLU A 34 -50.64 14.59 8.28
C GLU A 34 -50.44 13.12 7.90
N ASN A 35 -50.99 12.70 6.77
CA ASN A 35 -50.77 11.33 6.29
C ASN A 35 -50.09 11.27 4.92
N GLN A 36 -49.64 12.41 4.40
CA GLN A 36 -48.98 12.45 3.10
C GLN A 36 -47.48 12.58 3.23
N LYS A 37 -46.76 11.90 2.34
CA LYS A 37 -45.30 11.94 2.34
C LYS A 37 -44.77 11.97 0.90
N GLU A 38 -43.62 12.60 0.71
CA GLU A 38 -42.89 12.45 -0.55
C GLU A 38 -41.93 11.27 -0.41
N LYS A 39 -42.19 10.21 -1.18
CA LYS A 39 -41.42 8.98 -1.04
C LYS A 39 -40.00 9.14 -1.59
N ARG A 40 -39.19 9.88 -0.85
CA ARG A 40 -37.82 10.19 -1.26
C ARG A 40 -37.03 10.78 -0.10
N PHE A 41 -35.72 10.89 -0.27
CA PHE A 41 -34.87 11.54 0.72
C PHE A 41 -34.39 12.89 0.19
N CYS A 42 -34.37 13.88 1.08
CA CYS A 42 -33.93 15.23 0.71
C CYS A 42 -32.83 15.71 1.65
N LYS A 43 -32.35 16.93 1.43
CA LYS A 43 -31.37 17.53 2.30
C LYS A 43 -32.02 18.05 3.58
N ILE A 44 -31.25 18.06 4.67
CA ILE A 44 -31.71 18.58 5.94
C ILE A 44 -30.80 19.73 6.36
N MET A 45 -31.38 20.93 6.48
CA MET A 45 -30.64 22.16 6.69
C MET A 45 -29.64 22.35 5.55
N ASN A 46 -30.13 22.12 4.34
CA ASN A 46 -29.35 22.20 3.10
C ASN A 46 -28.08 21.34 3.16
N LYS A 47 -28.08 20.34 4.03
CA LYS A 47 -26.98 19.38 4.09
C LYS A 47 -27.44 18.04 3.52
N ALA A 48 -26.67 17.50 2.58
CA ALA A 48 -27.04 16.28 1.90
C ALA A 48 -26.77 15.05 2.75
N PRO A 49 -27.59 14.01 2.60
CA PRO A 49 -27.35 12.73 3.27
C PRO A 49 -26.21 11.95 2.60
N LEU A 50 -25.69 10.95 3.30
CA LEU A 50 -24.66 10.09 2.73
C LEU A 50 -25.26 8.78 2.26
N ASP A 51 -25.25 8.57 0.95
CA ASP A 51 -25.70 7.31 0.37
C ASP A 51 -24.57 6.29 0.39
N LEU A 52 -24.80 5.18 1.09
CA LEU A 52 -23.77 4.14 1.20
C LEU A 52 -23.83 3.18 0.02
N LYS A 53 -24.88 3.32 -0.80
CA LYS A 53 -25.03 2.57 -2.03
C LYS A 53 -24.96 1.06 -1.82
N ASP A 54 -23.92 0.43 -2.38
CA ASP A 54 -23.81 -1.03 -2.34
C ASP A 54 -22.94 -1.50 -1.18
N CYS A 55 -22.52 -0.56 -0.36
CA CYS A 55 -21.70 -0.86 0.81
C CYS A 55 -22.50 -0.73 2.11
N THR A 56 -22.27 -1.64 3.04
CA THR A 56 -22.87 -1.55 4.37
C THR A 56 -22.01 -0.62 5.20
N ILE A 57 -22.47 -0.28 6.40
CA ILE A 57 -21.68 0.54 7.32
C ILE A 57 -20.29 -0.06 7.54
N GLU A 58 -20.22 -1.37 7.75
CA GLU A 58 -18.95 -2.05 7.97
C GLU A 58 -18.02 -1.87 6.78
N GLY A 59 -18.51 -2.18 5.59
CA GLY A 59 -17.73 -2.02 4.37
C GLY A 59 -17.20 -0.61 4.16
N TRP A 60 -17.97 0.37 4.61
CA TRP A 60 -17.62 1.78 4.46
C TRP A 60 -16.41 2.18 5.33
N ILE A 61 -16.52 2.00 6.65
CA ILE A 61 -15.48 2.51 7.54
C ILE A 61 -14.32 1.54 7.73
N LEU A 62 -14.50 0.29 7.30
CA LEU A 62 -13.38 -0.64 7.29
C LEU A 62 -12.52 -0.39 6.05
N GLY A 63 -13.14 0.16 5.02
CA GLY A 63 -12.44 0.45 3.77
C GLY A 63 -12.40 -0.71 2.81
N ASN A 64 -13.52 -1.43 2.71
CA ASN A 64 -13.70 -2.49 1.73
C ASN A 64 -13.33 -1.98 0.35
N PRO A 65 -12.45 -2.70 -0.35
CA PRO A 65 -11.88 -2.29 -1.65
C PRO A 65 -12.92 -1.92 -2.70
N LYS A 66 -14.14 -2.41 -2.54
CA LYS A 66 -15.22 -2.08 -3.46
C LYS A 66 -16.04 -0.88 -2.97
N CYS A 67 -15.52 -0.18 -1.97
CA CYS A 67 -16.20 0.98 -1.39
C CYS A 67 -15.38 2.24 -1.56
N ASP A 68 -14.53 2.27 -2.59
CA ASP A 68 -13.63 3.41 -2.82
C ASP A 68 -14.39 4.69 -3.17
N LEU A 69 -15.60 4.53 -3.69
CA LEU A 69 -16.47 5.66 -3.99
C LEU A 69 -16.73 6.49 -2.73
N LEU A 70 -16.81 5.81 -1.59
CA LEU A 70 -17.09 6.46 -0.31
C LEU A 70 -15.81 6.91 0.40
N LEU A 71 -14.67 6.34 -0.02
CA LEU A 71 -13.40 6.49 0.68
C LEU A 71 -12.99 7.94 0.92
N GLY A 72 -12.55 8.23 2.14
CA GLY A 72 -12.08 9.56 2.49
C GLY A 72 -13.01 10.36 3.38
N ASP A 73 -13.04 11.67 3.17
CA ASP A 73 -13.86 12.56 3.99
C ASP A 73 -15.33 12.50 3.61
N GLN A 74 -16.20 12.54 4.62
CA GLN A 74 -17.64 12.60 4.38
C GLN A 74 -18.33 13.52 5.38
N SER A 75 -19.30 14.30 4.88
CA SER A 75 -20.21 15.06 5.74
C SER A 75 -21.63 14.63 5.42
N TRP A 76 -22.48 14.53 6.45
CA TRP A 76 -23.84 14.07 6.23
C TRP A 76 -24.83 14.62 7.25
N SER A 77 -26.07 14.79 6.83
CA SER A 77 -27.15 15.16 7.73
C SER A 77 -27.77 13.89 8.30
N TYR A 78 -27.67 12.81 7.53
CA TYR A 78 -28.05 11.47 7.99
C TYR A 78 -27.50 10.44 7.01
N ILE A 79 -27.60 9.16 7.38
CA ILE A 79 -27.03 8.09 6.58
C ILE A 79 -28.13 7.21 5.99
N VAL A 80 -28.01 6.93 4.69
CA VAL A 80 -28.92 5.99 4.04
C VAL A 80 -28.17 4.71 3.70
N GLU A 81 -28.62 3.60 4.26
CA GLU A 81 -28.04 2.30 3.97
C GLU A 81 -29.05 1.45 3.19
N ARG A 82 -28.61 0.91 2.05
CA ARG A 82 -29.50 0.12 1.21
C ARG A 82 -29.59 -1.30 1.76
N PRO A 83 -30.81 -1.86 1.83
CA PRO A 83 -31.10 -3.15 2.47
C PRO A 83 -30.35 -4.34 1.86
N ASN A 84 -30.03 -4.29 0.58
CA ASN A 84 -29.37 -5.42 -0.07
C ASN A 84 -27.93 -5.10 -0.46
N ALA A 85 -27.29 -4.21 0.29
CA ALA A 85 -25.90 -3.84 0.05
C ALA A 85 -25.00 -5.05 0.25
N GLN A 86 -24.10 -5.27 -0.70
CA GLN A 86 -23.30 -6.51 -0.74
C GLN A 86 -21.90 -6.35 -0.16
N ASN A 87 -21.39 -5.13 -0.14
CA ASN A 87 -19.98 -4.91 0.24
C ASN A 87 -19.82 -4.52 1.71
N GLY A 88 -19.69 -5.52 2.57
CA GLY A 88 -19.43 -5.29 3.97
C GLY A 88 -18.10 -5.88 4.40
N ILE A 89 -18.14 -6.84 5.32
CA ILE A 89 -16.94 -7.54 5.74
C ILE A 89 -16.65 -8.65 4.74
N CYS A 90 -15.59 -8.47 3.95
CA CYS A 90 -15.29 -9.39 2.86
C CYS A 90 -14.54 -10.63 3.37
N TYR A 91 -13.49 -10.42 4.16
CA TYR A 91 -12.80 -11.53 4.79
C TYR A 91 -13.54 -11.89 6.08
N PRO A 92 -14.09 -13.11 6.14
CA PRO A 92 -15.02 -13.52 7.19
C PRO A 92 -14.50 -13.31 8.61
N GLY A 93 -15.43 -13.02 9.53
CA GLY A 93 -15.08 -12.72 10.90
C GLY A 93 -16.06 -11.73 11.50
N VAL A 94 -15.93 -11.49 12.80
CA VAL A 94 -16.86 -10.63 13.51
C VAL A 94 -16.26 -9.27 13.83
N LEU A 95 -17.00 -8.21 13.51
CA LEU A 95 -16.65 -6.88 13.97
C LEU A 95 -17.28 -6.67 15.35
N ASN A 96 -16.43 -6.62 16.36
CA ASN A 96 -16.89 -6.63 17.75
C ASN A 96 -17.52 -5.30 18.17
N GLU A 97 -18.56 -5.39 19.01
CA GLU A 97 -19.35 -4.24 19.42
C GLU A 97 -19.88 -3.50 18.19
N LEU A 98 -20.46 -4.26 17.27
CA LEU A 98 -20.98 -3.71 16.03
C LEU A 98 -22.13 -2.74 16.24
N GLU A 99 -23.02 -3.07 17.17
CA GLU A 99 -24.21 -2.25 17.40
C GLU A 99 -23.81 -0.91 18.01
N GLU A 100 -22.88 -0.95 18.97
CA GLU A 100 -22.37 0.28 19.56
C GLU A 100 -21.63 1.14 18.54
N LEU A 101 -20.92 0.50 17.62
CA LEU A 101 -20.23 1.21 16.54
C LEU A 101 -21.21 1.95 15.64
N LYS A 102 -22.29 1.28 15.26
CA LYS A 102 -23.32 1.88 14.43
C LYS A 102 -23.99 3.06 15.15
N ALA A 103 -24.20 2.91 16.44
CA ALA A 103 -24.81 3.97 17.24
C ALA A 103 -23.87 5.17 17.33
N PHE A 104 -22.58 4.89 17.49
CA PHE A 104 -21.57 5.94 17.56
C PHE A 104 -21.47 6.69 16.24
N ILE A 105 -21.38 5.95 15.14
CA ILE A 105 -21.27 6.54 13.81
C ILE A 105 -22.50 7.38 13.51
N GLY A 106 -23.66 6.87 13.90
CA GLY A 106 -24.91 7.58 13.73
C GLY A 106 -24.97 8.92 14.44
N SER A 107 -24.23 9.04 15.53
CA SER A 107 -24.22 10.26 16.33
C SER A 107 -23.26 11.31 15.77
N GLY A 108 -22.71 11.06 14.58
CA GLY A 108 -21.77 11.97 13.98
C GLY A 108 -22.31 12.67 12.75
N GLU A 109 -21.56 13.64 12.24
CA GLU A 109 -21.97 14.38 11.05
C GLU A 109 -20.82 14.51 10.05
N ARG A 110 -19.62 14.15 10.48
CA ARG A 110 -18.45 14.24 9.60
C ARG A 110 -17.28 13.40 10.08
N VAL A 111 -16.64 12.71 9.15
CA VAL A 111 -15.38 12.02 9.42
C VAL A 111 -14.32 12.55 8.46
N GLU A 112 -13.08 12.65 8.96
CA GLU A 112 -11.97 13.05 8.12
C GLU A 112 -10.90 11.96 8.13
N ARG A 113 -10.75 11.28 6.98
CA ARG A 113 -9.80 10.19 6.87
C ARG A 113 -8.36 10.69 6.78
N PHE A 114 -7.48 10.08 7.57
CA PHE A 114 -6.07 10.42 7.56
C PHE A 114 -5.25 9.17 7.81
N GLU A 115 -3.96 9.22 7.51
CA GLU A 115 -3.08 8.09 7.77
C GLU A 115 -2.60 8.14 9.22
N MET A 116 -2.93 7.11 9.98
CA MET A 116 -2.65 7.07 11.41
C MET A 116 -1.37 6.29 11.69
N PHE A 117 -1.19 5.21 10.94
CA PHE A 117 0.04 4.42 11.00
C PHE A 117 0.50 4.06 9.59
N PRO A 118 1.49 4.80 9.07
CA PRO A 118 2.06 4.44 7.76
C PRO A 118 2.74 3.08 7.84
N LYS A 119 2.80 2.35 6.72
CA LYS A 119 3.39 1.03 6.70
C LYS A 119 4.83 1.01 7.20
N SER A 120 5.46 2.18 7.15
CA SER A 120 6.80 2.38 7.71
C SER A 120 6.84 2.05 9.21
N THR A 121 5.69 2.15 9.86
CA THR A 121 5.57 1.95 11.32
C THR A 121 6.08 0.58 11.78
N TRP A 122 5.76 -0.46 11.02
CA TRP A 122 5.99 -1.83 11.47
C TRP A 122 7.31 -2.35 10.93
N ALA A 123 8.29 -2.44 11.83
CA ALA A 123 9.67 -2.79 11.50
C ALA A 123 9.95 -4.26 11.64
N GLY A 124 10.60 -4.81 10.64
CA GLY A 124 11.02 -6.20 10.66
C GLY A 124 9.99 -7.16 10.11
N VAL A 125 9.00 -6.63 9.39
CA VAL A 125 7.91 -7.45 8.87
C VAL A 125 7.49 -7.02 7.47
N ASP A 126 6.60 -7.79 6.85
CA ASP A 126 6.14 -7.49 5.50
C ASP A 126 4.76 -6.85 5.51
N THR A 127 4.65 -5.69 4.88
CA THR A 127 3.40 -4.95 4.80
C THR A 127 2.90 -4.88 3.35
N SER A 128 3.47 -5.72 2.49
CA SER A 128 3.16 -5.64 1.06
C SER A 128 2.29 -6.78 0.51
N ARG A 129 2.17 -7.88 1.26
CA ARG A 129 1.46 -9.06 0.74
C ARG A 129 0.13 -9.33 1.44
N GLY A 130 -0.38 -8.35 2.17
CA GLY A 130 -1.64 -8.52 2.88
C GLY A 130 -2.87 -8.38 2.02
N VAL A 131 -3.13 -9.39 1.18
CA VAL A 131 -4.31 -9.40 0.31
C VAL A 131 -5.00 -10.75 0.37
N THR A 132 -6.19 -10.82 -0.21
CA THR A 132 -6.97 -12.06 -0.22
C THR A 132 -8.03 -12.06 -1.33
N ASN A 133 -8.27 -13.25 -1.90
CA ASN A 133 -9.32 -13.39 -2.90
C ASN A 133 -10.71 -13.15 -2.30
N ALA A 134 -10.85 -13.16 -1.02
CA ALA A 134 -12.10 -12.85 -0.37
C ALA A 134 -12.43 -11.35 -0.45
N CYS A 135 -11.39 -10.54 -0.61
CA CYS A 135 -11.57 -9.09 -0.66
C CYS A 135 -11.05 -8.48 -1.97
N PRO A 136 -11.72 -8.77 -3.09
CA PRO A 136 -11.29 -8.18 -4.36
C PRO A 136 -11.73 -6.72 -4.52
N SER A 137 -10.97 -5.93 -5.26
CA SER A 137 -11.42 -4.62 -5.67
C SER A 137 -12.19 -4.76 -6.98
N TYR A 138 -12.47 -3.65 -7.64
CA TYR A 138 -13.20 -3.68 -8.91
C TYR A 138 -12.27 -3.99 -10.08
N THR A 139 -10.96 -3.94 -9.84
CA THR A 139 -9.98 -4.18 -10.89
C THR A 139 -9.02 -5.31 -10.54
N ILE A 140 -8.95 -5.64 -9.25
CA ILE A 140 -7.99 -6.62 -8.77
C ILE A 140 -8.69 -7.75 -8.01
N ASP A 141 -8.25 -8.98 -8.26
CA ASP A 141 -8.92 -10.15 -7.69
C ASP A 141 -8.57 -10.36 -6.21
N SER A 142 -7.43 -9.85 -5.78
CA SER A 142 -7.03 -9.99 -4.39
C SER A 142 -6.51 -8.67 -3.82
N SER A 143 -7.30 -8.07 -2.95
CA SER A 143 -6.93 -6.82 -2.31
C SER A 143 -7.20 -6.88 -0.81
N PHE A 144 -7.42 -5.73 -0.19
CA PHE A 144 -7.67 -5.66 1.24
C PHE A 144 -8.22 -4.30 1.65
N TYR A 145 -8.69 -4.22 2.90
CA TYR A 145 -9.26 -2.99 3.44
C TYR A 145 -8.27 -1.82 3.35
N ARG A 146 -8.77 -0.68 2.90
CA ARG A 146 -7.93 0.50 2.70
C ARG A 146 -7.46 1.09 4.02
N ASN A 147 -8.08 0.68 5.12
CA ASN A 147 -7.78 1.24 6.44
C ASN A 147 -6.97 0.29 7.31
N LEU A 148 -6.78 -0.94 6.83
CA LEU A 148 -6.04 -1.94 7.59
C LEU A 148 -4.85 -2.49 6.80
N VAL A 149 -3.87 -3.03 7.51
CA VAL A 149 -2.72 -3.67 6.89
C VAL A 149 -2.55 -5.08 7.43
N TRP A 150 -2.71 -6.08 6.57
CA TRP A 150 -2.47 -7.46 6.95
C TRP A 150 -0.97 -7.73 6.91
N ILE A 151 -0.38 -7.87 8.08
CA ILE A 151 1.07 -8.02 8.19
C ILE A 151 1.46 -9.50 8.26
N VAL A 152 2.44 -9.88 7.45
CA VAL A 152 3.00 -11.23 7.47
C VAL A 152 4.51 -11.16 7.58
N LYS A 153 5.14 -12.33 7.71
CA LYS A 153 6.60 -12.40 7.83
C LYS A 153 7.33 -12.08 6.54
N THR A 154 8.60 -11.71 6.69
CA THR A 154 9.51 -11.64 5.56
C THR A 154 9.67 -13.09 5.15
N ASP A 155 10.13 -13.36 3.94
CA ASP A 155 10.05 -14.70 3.35
C ASP A 155 10.51 -15.84 4.28
N SER A 156 11.62 -15.68 4.99
CA SER A 156 12.10 -16.77 5.83
C SER A 156 12.32 -16.45 7.31
N ALA A 157 12.51 -15.19 7.66
CA ALA A 157 12.83 -14.85 9.05
C ALA A 157 11.61 -15.00 9.96
N THR A 158 11.84 -14.91 11.27
CA THR A 158 10.76 -14.97 12.25
C THR A 158 10.06 -13.62 12.41
N TYR A 159 8.88 -13.65 13.00
CA TYR A 159 8.08 -12.45 13.22
C TYR A 159 8.54 -11.79 14.52
N PRO A 160 9.10 -10.58 14.43
CA PRO A 160 9.62 -9.88 15.60
C PRO A 160 8.57 -9.06 16.33
N VAL A 161 8.88 -8.63 17.54
CA VAL A 161 7.99 -7.73 18.28
C VAL A 161 7.96 -6.39 17.58
N ILE A 162 6.83 -6.09 16.95
CA ILE A 162 6.65 -4.81 16.27
C ILE A 162 5.91 -3.85 17.19
N LYS A 163 6.18 -2.56 17.03
CA LYS A 163 5.59 -1.56 17.91
C LYS A 163 5.16 -0.33 17.12
N GLY A 164 4.12 0.33 17.61
CA GLY A 164 3.63 1.55 17.01
C GLY A 164 3.00 2.44 18.07
N THR A 165 3.13 3.75 17.88
CA THR A 165 2.54 4.70 18.81
C THR A 165 1.91 5.87 18.06
N TYR A 166 0.78 6.34 18.57
CA TYR A 166 0.15 7.53 18.01
C TYR A 166 -0.40 8.41 19.12
N ASN A 167 -0.01 9.67 19.07
CA ASN A 167 -0.42 10.68 20.04
C ASN A 167 -1.43 11.62 19.40
N ASN A 168 -2.68 11.52 19.83
CA ASN A 168 -3.74 12.40 19.33
C ASN A 168 -3.55 13.79 19.92
N THR A 169 -2.91 14.66 19.14
CA THR A 169 -2.61 16.01 19.60
C THR A 169 -3.66 16.99 19.09
N GLY A 170 -4.67 16.46 18.40
CA GLY A 170 -5.74 17.29 17.87
C GLY A 170 -6.86 17.55 18.85
N THR A 171 -7.94 18.16 18.36
CA THR A 171 -9.06 18.53 19.23
C THR A 171 -10.25 17.57 19.05
N GLN A 172 -10.12 16.65 18.11
CA GLN A 172 -11.23 15.75 17.77
C GLN A 172 -10.90 14.30 18.10
N PRO A 173 -11.92 13.53 18.51
CA PRO A 173 -11.73 12.10 18.76
C PRO A 173 -11.39 11.35 17.48
N ILE A 174 -10.70 10.22 17.60
CA ILE A 174 -10.30 9.46 16.42
C ILE A 174 -10.90 8.06 16.44
N LEU A 175 -11.70 7.75 15.42
CA LEU A 175 -12.25 6.42 15.23
C LEU A 175 -11.27 5.58 14.41
N TYR A 176 -10.77 4.49 15.00
CA TYR A 176 -9.81 3.63 14.31
C TYR A 176 -10.14 2.16 14.48
N PHE A 177 -9.56 1.32 13.62
CA PHE A 177 -9.87 -0.11 13.60
C PHE A 177 -8.59 -0.95 13.58
N TRP A 178 -8.71 -2.18 14.08
CA TRP A 178 -7.61 -3.14 14.00
C TRP A 178 -8.17 -4.56 14.07
N GLY A 179 -7.29 -5.54 13.91
CA GLY A 179 -7.74 -6.93 13.87
C GLY A 179 -6.76 -7.97 14.37
N VAL A 180 -7.28 -9.16 14.64
CA VAL A 180 -6.46 -10.31 14.98
C VAL A 180 -6.84 -11.47 14.05
N HIS A 181 -5.85 -12.06 13.41
CA HIS A 181 -6.10 -13.15 12.46
C HIS A 181 -6.09 -14.51 13.14
N HIS A 182 -7.08 -15.34 12.79
CA HIS A 182 -7.17 -16.70 13.32
C HIS A 182 -7.11 -17.73 12.20
N PRO A 183 -5.93 -18.29 11.93
CA PRO A 183 -5.75 -19.34 10.92
C PRO A 183 -6.53 -20.62 11.25
N LEU A 184 -6.89 -21.38 10.22
CA LEU A 184 -7.66 -22.61 10.41
C LEU A 184 -6.82 -23.74 11.00
N ASP A 185 -5.52 -23.73 10.72
CA ASP A 185 -4.61 -24.74 11.29
C ASP A 185 -3.26 -24.13 11.64
N THR A 186 -2.44 -24.89 12.36
CA THR A 186 -1.13 -24.41 12.81
C THR A 186 -0.17 -24.24 11.64
N THR A 187 -0.45 -24.95 10.55
CA THR A 187 0.37 -24.87 9.34
C THR A 187 0.37 -23.46 8.78
N VAL A 188 -0.83 -22.92 8.55
CA VAL A 188 -0.98 -21.57 8.04
C VAL A 188 -0.41 -20.56 9.04
N GLN A 189 -0.64 -20.83 10.33
CA GLN A 189 -0.10 -19.99 11.41
C GLN A 189 1.42 -19.88 11.31
N ASP A 190 2.08 -21.02 11.19
CA ASP A 190 3.53 -21.07 11.09
C ASP A 190 4.02 -20.43 9.79
N ASN A 191 3.29 -20.68 8.71
CA ASN A 191 3.64 -20.15 7.39
C ASN A 191 3.60 -18.63 7.33
N LEU A 192 2.80 -18.01 8.19
CA LEU A 192 2.59 -16.56 8.13
C LEU A 192 3.23 -15.77 9.25
N TYR A 193 3.30 -16.36 10.43
CA TYR A 193 3.75 -15.63 11.61
C TYR A 193 4.85 -16.37 12.35
N GLY A 194 5.21 -17.54 11.85
CA GLY A 194 6.24 -18.35 12.48
C GLY A 194 5.73 -19.15 13.65
N SER A 195 6.63 -19.53 14.54
CA SER A 195 6.30 -20.39 15.67
C SER A 195 6.30 -19.63 16.99
N GLY A 196 5.72 -20.24 18.02
CA GLY A 196 5.67 -19.64 19.33
C GLY A 196 4.36 -18.95 19.64
N ASP A 197 4.14 -18.62 20.92
CA ASP A 197 2.93 -17.95 21.35
C ASP A 197 2.84 -16.55 20.76
N LYS A 198 1.71 -16.24 20.14
CA LYS A 198 1.52 -14.93 19.52
C LYS A 198 0.51 -14.09 20.28
N TYR A 199 0.70 -12.77 20.25
CA TYR A 199 -0.18 -11.86 20.96
C TYR A 199 -0.40 -10.57 20.18
N VAL A 200 -1.54 -9.92 20.45
CA VAL A 200 -1.79 -8.57 19.99
C VAL A 200 -2.23 -7.74 21.18
N ARG A 201 -1.42 -6.77 21.56
CA ARG A 201 -1.73 -5.95 22.72
C ARG A 201 -1.70 -4.46 22.39
N MET A 202 -2.78 -3.77 22.77
CA MET A 202 -2.92 -2.35 22.49
C MET A 202 -3.47 -1.63 23.71
N GLY A 203 -3.05 -0.39 23.91
CA GLY A 203 -3.44 0.34 25.10
C GLY A 203 -3.40 1.86 24.99
N THR A 204 -4.29 2.51 25.72
CA THR A 204 -4.30 3.96 25.82
C THR A 204 -4.34 4.34 27.30
N GLU A 205 -4.65 5.60 27.57
CA GLU A 205 -4.79 6.06 28.95
C GLU A 205 -6.05 5.47 29.61
N SER A 206 -6.98 5.00 28.79
CA SER A 206 -8.26 4.51 29.30
C SER A 206 -8.68 3.15 28.74
N MET A 207 -7.89 2.60 27.82
CA MET A 207 -8.23 1.31 27.22
C MET A 207 -7.08 0.32 27.28
N ASN A 208 -7.42 -0.94 27.58
CA ASN A 208 -6.48 -2.04 27.47
C ASN A 208 -7.03 -3.10 26.53
N PHE A 209 -6.16 -3.63 25.67
CA PHE A 209 -6.57 -4.71 24.77
C PHE A 209 -5.48 -5.77 24.71
N ALA A 210 -5.90 -7.04 24.72
CA ALA A 210 -4.98 -8.16 24.63
C ALA A 210 -5.68 -9.36 24.02
N LYS A 211 -5.14 -9.87 22.92
CA LYS A 211 -5.76 -11.00 22.25
C LYS A 211 -4.70 -11.93 21.66
N SER A 212 -4.98 -13.23 21.67
CA SER A 212 -4.11 -14.22 21.06
C SER A 212 -4.90 -15.00 20.01
N PRO A 213 -4.22 -15.47 18.95
CA PRO A 213 -4.91 -16.23 17.91
C PRO A 213 -5.55 -17.51 18.44
N GLU A 214 -6.73 -17.83 17.92
CA GLU A 214 -7.45 -19.03 18.31
C GLU A 214 -7.65 -19.93 17.09
N ILE A 215 -6.72 -20.85 16.92
CA ILE A 215 -6.62 -21.64 15.69
C ILE A 215 -7.64 -22.78 15.64
N ALA A 216 -8.48 -22.75 14.59
CA ALA A 216 -9.51 -23.76 14.39
C ALA A 216 -10.14 -23.64 13.00
N ALA A 217 -10.60 -24.77 12.47
CA ALA A 217 -11.22 -24.79 11.15
C ALA A 217 -12.73 -24.53 11.25
N ARG A 218 -13.16 -23.38 10.76
CA ARG A 218 -14.56 -22.99 10.80
C ARG A 218 -15.16 -23.10 9.40
N PRO A 219 -16.50 -23.19 9.30
CA PRO A 219 -17.14 -23.36 7.99
C PRO A 219 -16.71 -22.30 6.97
N ALA A 220 -16.59 -22.71 5.71
CA ALA A 220 -16.07 -21.83 4.67
C ALA A 220 -17.03 -20.68 4.38
N VAL A 221 -16.50 -19.46 4.47
CA VAL A 221 -17.25 -18.26 4.12
C VAL A 221 -16.39 -17.42 3.19
N ASN A 222 -16.90 -17.15 2.00
CA ASN A 222 -16.14 -16.49 0.94
C ASN A 222 -14.83 -17.23 0.68
N GLY A 223 -14.90 -18.56 0.66
CA GLY A 223 -13.75 -19.40 0.41
C GLY A 223 -12.69 -19.37 1.50
N GLN A 224 -13.11 -19.09 2.73
CA GLN A 224 -12.18 -19.01 3.86
C GLN A 224 -12.70 -19.77 5.08
N ARG A 225 -11.84 -20.63 5.63
CA ARG A 225 -12.16 -21.34 6.86
C ARG A 225 -11.45 -20.67 8.04
N SER A 226 -10.61 -19.69 7.72
CA SER A 226 -10.00 -18.84 8.74
C SER A 226 -10.93 -17.67 9.06
N ARG A 227 -10.59 -16.91 10.10
CA ARG A 227 -11.38 -15.73 10.47
C ARG A 227 -10.49 -14.57 10.90
N ILE A 228 -11.08 -13.38 10.89
CA ILE A 228 -10.44 -12.20 11.49
C ILE A 228 -11.38 -11.60 12.52
N ASP A 229 -10.85 -11.35 13.71
CA ASP A 229 -11.58 -10.58 14.71
C ASP A 229 -11.29 -9.11 14.52
N TYR A 230 -12.28 -8.36 14.04
CA TYR A 230 -12.13 -6.92 13.84
C TYR A 230 -12.53 -6.18 15.09
N TYR A 231 -11.81 -5.10 15.39
CA TYR A 231 -12.11 -4.29 16.55
C TYR A 231 -12.13 -2.81 16.21
N TRP A 232 -12.75 -2.01 17.07
CA TRP A 232 -12.76 -0.57 16.88
C TRP A 232 -12.65 0.11 18.23
N SER A 233 -12.22 1.36 18.22
CA SER A 233 -12.15 2.15 19.45
C SER A 233 -12.07 3.63 19.09
N VAL A 234 -12.12 4.47 20.10
CA VAL A 234 -12.08 5.91 19.88
C VAL A 234 -10.97 6.52 20.71
N LEU A 235 -9.96 7.06 20.03
CA LEU A 235 -8.84 7.70 20.71
C LEU A 235 -9.23 9.14 21.04
N ARG A 236 -9.45 9.41 22.32
CA ARG A 236 -9.89 10.72 22.78
C ARG A 236 -8.80 11.75 22.55
N PRO A 237 -9.19 13.04 22.41
CA PRO A 237 -8.22 14.12 22.29
C PRO A 237 -7.24 14.15 23.46
N GLY A 238 -5.94 14.09 23.16
CA GLY A 238 -4.92 14.10 24.19
C GLY A 238 -4.46 12.72 24.62
N GLU A 239 -5.17 11.69 24.16
CA GLU A 239 -4.81 10.32 24.48
C GLU A 239 -3.77 9.79 23.49
N THR A 240 -3.04 8.76 23.92
CA THR A 240 -2.03 8.13 23.07
C THR A 240 -2.29 6.63 22.96
N LEU A 241 -2.14 6.10 21.74
CA LEU A 241 -2.29 4.67 21.51
C LEU A 241 -0.95 3.99 21.31
N ASN A 242 -0.74 2.88 22.02
CA ASN A 242 0.45 2.06 21.80
C ASN A 242 0.06 0.68 21.26
N VAL A 243 0.65 0.30 20.14
CA VAL A 243 0.40 -1.01 19.54
C VAL A 243 1.63 -1.89 19.71
N GLU A 244 1.41 -3.11 20.18
CA GLU A 244 2.49 -4.08 20.37
C GLU A 244 2.04 -5.48 20.01
N SER A 245 2.77 -6.14 19.12
CA SER A 245 2.41 -7.48 18.68
C SER A 245 3.62 -8.25 18.17
N ASN A 246 3.52 -9.57 18.18
CA ASN A 246 4.55 -10.43 17.63
C ASN A 246 3.95 -11.37 16.59
N GLY A 247 2.76 -11.02 16.09
CA GLY A 247 2.10 -11.80 15.06
C GLY A 247 0.60 -11.69 15.06
N ASN A 248 -0.02 -12.14 13.96
CA ASN A 248 -1.48 -12.18 13.81
C ASN A 248 -2.14 -10.81 13.91
N LEU A 249 -1.38 -9.74 13.65
CA LEU A 249 -1.91 -8.39 13.75
C LEU A 249 -2.40 -7.84 12.41
N ILE A 250 -3.69 -7.51 12.34
CA ILE A 250 -4.19 -6.67 11.27
C ILE A 250 -4.11 -5.24 11.78
N ALA A 251 -3.08 -4.52 11.35
CA ALA A 251 -2.73 -3.24 11.95
C ALA A 251 -3.62 -2.11 11.46
N PRO A 252 -3.86 -1.11 12.33
CA PRO A 252 -4.52 0.13 11.91
C PRO A 252 -3.65 0.91 10.94
N TRP A 253 -4.22 1.37 9.84
CA TRP A 253 -3.48 2.10 8.81
C TRP A 253 -4.04 3.50 8.68
N TYR A 254 -5.25 3.60 8.16
CA TYR A 254 -5.97 4.87 8.12
C TYR A 254 -7.06 4.91 9.19
N ALA A 255 -7.34 6.10 9.70
CA ALA A 255 -8.38 6.28 10.71
C ALA A 255 -9.24 7.50 10.38
N TYR A 256 -10.12 7.86 11.31
CA TYR A 256 -11.04 8.97 11.07
C TYR A 256 -11.09 9.95 12.24
N LYS A 257 -10.80 11.22 11.97
CA LYS A 257 -11.12 12.27 12.92
C LYS A 257 -12.63 12.44 12.90
N PHE A 258 -13.25 12.35 14.07
CA PHE A 258 -14.70 12.21 14.15
C PHE A 258 -15.37 13.46 14.71
N VAL A 259 -16.35 13.98 13.98
CA VAL A 259 -17.10 15.14 14.41
C VAL A 259 -18.51 14.72 14.85
N SER A 260 -18.76 14.77 16.15
CA SER A 260 -20.06 14.41 16.70
C SER A 260 -21.07 15.53 16.51
N THR A 261 -22.26 15.19 16.02
CA THR A 261 -23.29 16.18 15.79
C THR A 261 -23.93 16.60 17.11
N ASN A 262 -24.25 17.88 17.23
CA ASN A 262 -24.96 18.39 18.40
C ASN A 262 -26.42 17.93 18.34
N LYS A 263 -26.93 17.78 17.13
CA LYS A 263 -28.33 17.44 16.91
C LYS A 263 -28.61 15.95 17.12
N LYS A 264 -29.74 15.50 16.58
CA LYS A 264 -30.16 14.10 16.63
C LYS A 264 -29.55 13.32 15.48
N GLY A 265 -29.18 12.06 15.72
CA GLY A 265 -28.56 11.24 14.70
C GLY A 265 -29.50 10.23 14.10
N ALA A 266 -29.34 9.96 12.80
CA ALA A 266 -30.20 9.01 12.12
C ALA A 266 -29.46 8.15 11.10
N VAL A 267 -29.84 6.87 11.03
CA VAL A 267 -29.39 5.97 9.98
C VAL A 267 -30.61 5.27 9.40
N PHE A 268 -30.97 5.61 8.17
CA PHE A 268 -32.15 5.04 7.53
C PHE A 268 -31.81 3.86 6.62
N LYS A 269 -32.42 2.71 6.89
CA LYS A 269 -32.27 1.56 6.01
C LYS A 269 -33.45 1.54 5.04
N SER A 270 -33.18 1.93 3.80
CA SER A 270 -34.26 2.18 2.84
C SER A 270 -33.80 2.11 1.39
N ASP A 271 -34.74 1.86 0.49
CA ASP A 271 -34.46 1.83 -0.94
C ASP A 271 -34.89 3.12 -1.64
N LEU A 272 -35.42 4.06 -0.86
CA LEU A 272 -35.94 5.31 -1.41
C LEU A 272 -34.84 6.15 -2.06
N PRO A 273 -35.17 6.87 -3.13
CA PRO A 273 -34.19 7.68 -3.88
C PRO A 273 -33.85 9.01 -3.20
N ILE A 274 -32.56 9.33 -3.20
CA ILE A 274 -32.11 10.66 -2.75
C ILE A 274 -32.14 11.61 -3.93
N GLU A 275 -32.99 12.63 -3.85
CA GLU A 275 -33.14 13.58 -4.95
C GLU A 275 -32.56 14.94 -4.58
N ASN A 276 -32.62 15.88 -5.52
CA ASN A 276 -32.07 17.21 -5.30
C ASN A 276 -33.13 18.12 -4.71
N CYS A 277 -33.41 17.93 -3.43
CA CYS A 277 -34.49 18.65 -2.77
C CYS A 277 -34.12 19.04 -1.33
N ASP A 278 -34.85 20.01 -0.79
CA ASP A 278 -34.69 20.41 0.59
C ASP A 278 -35.90 19.98 1.42
N ALA A 279 -35.70 19.84 2.72
CA ALA A 279 -36.77 19.47 3.63
C ALA A 279 -36.42 19.88 5.05
N THR A 280 -37.44 20.00 5.90
CA THR A 280 -37.23 20.29 7.31
C THR A 280 -37.50 19.05 8.15
N CYS A 281 -38.31 18.15 7.59
CA CYS A 281 -38.64 16.89 8.26
C CYS A 281 -38.40 15.70 7.33
N GLN A 282 -37.45 14.85 7.69
CA GLN A 282 -37.18 13.66 6.89
C GLN A 282 -37.49 12.37 7.66
N THR A 283 -38.61 11.76 7.29
CA THR A 283 -39.01 10.42 7.74
C THR A 283 -38.27 9.31 6.96
N ILE A 284 -38.08 8.15 7.59
CA ILE A 284 -37.44 7.00 6.96
C ILE A 284 -38.23 6.53 5.73
N THR A 285 -39.51 6.85 5.66
CA THR A 285 -40.34 6.45 4.53
C THR A 285 -40.72 7.63 3.63
N GLY A 286 -40.10 8.80 3.86
CA GLY A 286 -40.38 9.95 3.01
C GLY A 286 -40.34 11.32 3.66
N VAL A 287 -40.50 12.35 2.85
CA VAL A 287 -40.48 13.73 3.34
C VAL A 287 -41.87 14.18 3.75
N LEU A 288 -41.95 14.86 4.90
CA LEU A 288 -43.18 15.52 5.31
C LEU A 288 -43.07 17.04 5.12
N ARG A 289 -43.92 17.59 4.26
CA ARG A 289 -44.01 19.04 4.10
C ARG A 289 -45.35 19.50 4.62
N THR A 290 -45.40 19.88 5.89
CA THR A 290 -46.67 20.15 6.53
C THR A 290 -46.52 21.07 7.75
N ASN A 291 -47.63 21.68 8.15
CA ASN A 291 -47.67 22.48 9.36
C ASN A 291 -48.56 21.83 10.40
N LYS A 292 -48.98 20.61 10.13
CA LYS A 292 -49.88 19.87 11.00
C LYS A 292 -49.17 19.38 12.26
N THR A 293 -49.95 19.10 13.29
CA THR A 293 -49.41 18.78 14.61
C THR A 293 -49.03 17.31 14.75
N PHE A 294 -49.77 16.45 14.06
CA PHE A 294 -49.54 15.01 14.14
C PHE A 294 -49.24 14.41 12.77
N GLN A 295 -48.69 13.19 12.77
CA GLN A 295 -48.50 12.44 11.55
C GLN A 295 -48.53 10.94 11.84
N ASN A 296 -49.02 10.16 10.88
CA ASN A 296 -49.07 8.71 11.04
C ASN A 296 -48.19 8.01 10.01
N VAL A 297 -47.13 8.69 9.60
CA VAL A 297 -46.24 8.16 8.57
C VAL A 297 -45.20 7.22 9.19
N SER A 298 -44.40 7.74 10.12
CA SER A 298 -43.39 6.92 10.80
C SER A 298 -42.85 7.61 12.06
N PRO A 299 -42.51 6.80 13.08
CA PRO A 299 -41.86 7.28 14.30
C PRO A 299 -40.37 7.54 14.11
N LEU A 300 -39.82 7.09 12.97
CA LEU A 300 -38.41 7.28 12.68
C LEU A 300 -38.19 8.42 11.71
N TRP A 301 -37.50 9.46 12.18
CA TRP A 301 -37.28 10.64 11.35
C TRP A 301 -36.14 11.49 11.90
N ILE A 302 -35.70 12.45 11.09
CA ILE A 302 -34.73 13.44 11.54
C ILE A 302 -35.23 14.83 11.12
N GLY A 303 -34.87 15.84 11.90
CA GLY A 303 -35.37 17.19 11.65
C GLY A 303 -36.57 17.52 12.51
N GLU A 304 -37.27 18.61 12.16
CA GLU A 304 -38.44 19.04 12.90
C GLU A 304 -39.71 18.41 12.34
N CYS A 305 -40.18 17.33 12.97
CA CYS A 305 -41.32 16.58 12.47
C CYS A 305 -42.52 16.65 13.41
N PRO A 306 -43.72 16.44 12.88
CA PRO A 306 -44.91 16.35 13.74
C PRO A 306 -44.90 15.09 14.60
N LYS A 307 -45.67 15.10 15.68
CA LYS A 307 -45.74 13.95 16.58
C LYS A 307 -46.36 12.75 15.88
N TYR A 308 -45.74 11.59 16.07
CA TYR A 308 -46.24 10.35 15.47
C TYR A 308 -47.31 9.67 16.32
N VAL A 309 -48.44 9.36 15.69
CA VAL A 309 -49.52 8.61 16.34
C VAL A 309 -50.06 7.58 15.37
N LYS A 310 -50.87 6.65 15.88
CA LYS A 310 -51.46 5.60 15.06
C LYS A 310 -52.76 6.04 14.38
N SER A 311 -53.27 7.20 14.77
CA SER A 311 -54.57 7.67 14.29
C SER A 311 -54.63 7.86 12.78
N GLU A 312 -55.81 7.61 12.20
CA GLU A 312 -56.04 7.87 10.79
C GLU A 312 -56.36 9.34 10.56
N SER A 313 -57.03 9.95 11.54
CA SER A 313 -57.47 11.33 11.44
C SER A 313 -57.66 11.95 12.82
N LEU A 314 -57.26 13.21 12.96
CA LEU A 314 -57.49 13.95 14.18
C LEU A 314 -58.07 15.31 13.84
N ARG A 315 -59.38 15.34 13.58
CA ARG A 315 -60.04 16.56 13.13
C ARG A 315 -60.77 17.26 14.27
N LEU A 316 -60.34 18.49 14.55
CA LEU A 316 -60.98 19.33 15.55
C LEU A 316 -62.10 20.16 14.96
N ALA A 317 -63.26 20.11 15.58
CA ALA A 317 -64.33 21.04 15.25
C ALA A 317 -63.91 22.44 15.67
N THR A 318 -64.17 23.43 14.82
CA THR A 318 -63.94 24.82 15.18
C THR A 318 -65.26 25.57 15.02
N GLY A 319 -65.99 25.24 13.97
CA GLY A 319 -67.30 25.81 13.75
C GLY A 319 -68.37 25.01 14.48
N LEU A 320 -69.62 25.21 14.11
CA LEU A 320 -70.72 24.58 14.84
C LEU A 320 -71.39 23.50 14.01
N ARG A 321 -72.35 22.82 14.62
CA ARG A 321 -73.10 21.76 13.98
C ARG A 321 -73.81 22.30 12.73
N ASN A 322 -73.49 21.74 11.57
CA ASN A 322 -74.03 22.23 10.31
C ASN A 322 -75.43 21.68 10.04
N VAL A 323 -76.42 22.57 10.11
CA VAL A 323 -77.81 22.18 9.89
C VAL A 323 -78.42 23.09 8.82
N PRO A 324 -78.01 22.91 7.56
CA PRO A 324 -78.54 23.75 6.49
C PRO A 324 -79.99 23.47 6.12
N GLN A 325 -80.74 24.52 5.81
CA GLN A 325 -82.13 24.43 5.42
C GLN A 325 -82.22 24.86 3.95
N ILE A 326 -82.98 24.14 3.12
CA ILE A 326 -83.87 23.06 3.55
C ILE A 326 -83.11 21.75 3.75
N GLY B 1 -79.18 19.11 21.80
CA GLY B 1 -78.07 19.86 22.35
C GLY B 1 -78.21 20.18 23.82
N ILE B 2 -77.07 20.38 24.49
CA ILE B 2 -77.02 20.63 25.91
C ILE B 2 -77.72 21.94 26.28
N PHE B 3 -77.61 22.95 25.43
CA PHE B 3 -78.23 24.24 25.71
C PHE B 3 -79.52 24.46 24.91
N GLY B 4 -79.86 23.48 24.09
CA GLY B 4 -81.17 23.42 23.46
C GLY B 4 -81.47 24.37 22.32
N ALA B 5 -80.48 25.12 21.87
CA ALA B 5 -80.70 26.11 20.81
C ALA B 5 -80.38 25.52 19.43
N ILE B 6 -79.11 25.20 19.19
CA ILE B 6 -78.70 24.66 17.89
C ILE B 6 -79.32 23.27 17.70
N ALA B 7 -79.97 23.09 16.56
CA ALA B 7 -80.78 21.89 16.29
C ALA B 7 -81.75 21.64 17.45
N GLY B 8 -82.28 22.72 18.01
CA GLY B 8 -83.19 22.65 19.14
C GLY B 8 -84.44 23.46 18.88
N PHE B 9 -84.68 24.49 19.70
CA PHE B 9 -85.86 25.32 19.51
C PHE B 9 -85.65 26.23 18.31
N ILE B 10 -84.39 26.35 17.88
CA ILE B 10 -84.08 26.91 16.57
C ILE B 10 -83.65 25.74 15.69
N GLU B 11 -84.59 25.20 14.94
CA GLU B 11 -84.46 23.91 14.27
C GLU B 11 -83.26 23.78 13.32
N GLY B 12 -82.94 24.87 12.62
CA GLY B 12 -81.88 24.81 11.63
C GLY B 12 -81.03 26.07 11.51
N GLY B 13 -79.95 25.97 10.74
CA GLY B 13 -79.06 27.09 10.51
C GLY B 13 -79.42 27.91 9.29
N TRP B 14 -78.73 29.03 9.13
CA TRP B 14 -78.97 29.94 8.01
C TRP B 14 -77.81 29.96 7.03
N THR B 15 -78.02 29.36 5.86
CA THR B 15 -77.03 29.44 4.78
C THR B 15 -76.94 30.87 4.26
N GLY B 16 -77.99 31.65 4.51
CA GLY B 16 -78.04 33.04 4.08
C GLY B 16 -77.16 33.99 4.88
N MET B 17 -76.79 33.58 6.09
CA MET B 17 -75.91 34.38 6.93
C MET B 17 -74.48 33.88 6.82
N ILE B 18 -73.69 34.55 5.99
CA ILE B 18 -72.38 34.04 5.58
C ILE B 18 -71.21 34.72 6.29
N ASP B 19 -71.48 35.78 7.02
CA ASP B 19 -70.40 36.59 7.58
C ASP B 19 -70.19 36.40 9.08
N GLY B 20 -70.87 35.41 9.66
CA GLY B 20 -70.70 35.13 11.08
C GLY B 20 -71.29 33.81 11.55
N TRP B 21 -70.86 33.37 12.72
CA TRP B 21 -71.37 32.13 13.32
C TRP B 21 -72.75 32.34 13.96
N TYR B 22 -72.98 33.54 14.49
CA TYR B 22 -74.19 33.83 15.27
C TYR B 22 -74.75 35.13 14.75
N GLY B 23 -76.06 35.21 14.54
CA GLY B 23 -76.65 36.49 14.16
C GLY B 23 -78.16 36.64 14.15
N TYR B 24 -78.61 37.54 13.27
CA TYR B 24 -80.00 37.95 13.23
C TYR B 24 -80.58 37.89 11.82
N HIS B 25 -81.89 37.69 11.73
CA HIS B 25 -82.63 37.93 10.51
C HIS B 25 -83.82 38.82 10.84
N HIS B 26 -83.87 39.99 10.22
CA HIS B 26 -84.94 40.95 10.52
C HIS B 26 -85.89 41.10 9.36
N GLU B 27 -87.11 41.51 9.66
CA GLU B 27 -88.12 41.83 8.66
C GLU B 27 -88.86 43.10 9.05
N ASN B 28 -88.82 44.11 8.18
CA ASN B 28 -89.63 45.31 8.40
C ASN B 28 -90.04 45.92 7.06
N SER B 29 -90.52 47.16 7.10
CA SER B 29 -91.02 47.84 5.90
C SER B 29 -89.93 48.01 4.85
N GLN B 30 -88.68 48.10 5.29
CA GLN B 30 -87.55 48.27 4.38
C GLN B 30 -87.08 46.92 3.83
N GLY B 31 -87.78 45.85 4.20
CA GLY B 31 -87.44 44.53 3.71
C GLY B 31 -86.81 43.63 4.74
N SER B 32 -86.02 42.67 4.28
CA SER B 32 -85.44 41.66 5.16
C SER B 32 -83.98 41.39 4.82
N GLY B 33 -83.22 40.93 5.81
CA GLY B 33 -81.82 40.58 5.60
C GLY B 33 -81.17 39.86 6.76
N TYR B 34 -79.99 39.29 6.50
CA TYR B 34 -79.22 38.64 7.55
C TYR B 34 -78.12 39.55 8.05
N ALA B 35 -77.86 39.50 9.35
CA ALA B 35 -76.74 40.24 9.93
C ALA B 35 -76.09 39.43 11.05
N ALA B 36 -74.78 39.24 10.94
CA ALA B 36 -74.03 38.56 11.99
C ALA B 36 -73.88 39.45 13.21
N ASP B 37 -74.02 38.86 14.39
CA ASP B 37 -73.65 39.55 15.62
C ASP B 37 -72.13 39.52 15.74
N ARG B 38 -71.51 40.67 15.51
CA ARG B 38 -70.05 40.74 15.40
C ARG B 38 -69.36 40.42 16.72
N GLU B 39 -69.95 40.89 17.82
CA GLU B 39 -69.35 40.73 19.15
C GLU B 39 -69.26 39.26 19.57
N SER B 40 -70.38 38.55 19.50
CA SER B 40 -70.43 37.17 19.95
C SER B 40 -69.65 36.25 19.01
N THR B 41 -69.69 36.57 17.72
CA THR B 41 -68.95 35.79 16.73
C THR B 41 -67.45 35.92 16.94
N GLN B 42 -66.97 37.15 17.11
CA GLN B 42 -65.55 37.42 17.27
C GLN B 42 -65.03 36.82 18.58
N LYS B 43 -65.82 36.93 19.63
CA LYS B 43 -65.47 36.36 20.93
C LYS B 43 -65.30 34.85 20.82
N ALA B 44 -66.18 34.21 20.05
CA ALA B 44 -66.10 32.76 19.85
C ALA B 44 -64.91 32.40 18.99
N ILE B 45 -64.64 33.19 17.96
CA ILE B 45 -63.49 32.97 17.08
C ILE B 45 -62.20 33.03 17.90
N ASP B 46 -62.12 34.00 18.79
CA ASP B 46 -60.92 34.18 19.61
C ASP B 46 -60.73 33.01 20.58
N GLY B 47 -61.83 32.56 21.18
CA GLY B 47 -61.78 31.44 22.10
C GLY B 47 -61.40 30.14 21.44
N ILE B 48 -62.08 29.80 20.35
CA ILE B 48 -61.81 28.57 19.62
C ILE B 48 -60.39 28.58 19.05
N THR B 49 -59.94 29.73 18.56
CA THR B 49 -58.58 29.87 18.05
C THR B 49 -57.57 29.64 19.17
N ASN B 50 -57.87 30.17 20.34
CA ASN B 50 -57.03 29.96 21.52
C ASN B 50 -56.97 28.49 21.90
N LYS B 51 -58.11 27.81 21.80
CA LYS B 51 -58.19 26.39 22.12
C LYS B 51 -57.34 25.54 21.18
N VAL B 52 -57.48 25.79 19.88
CA VAL B 52 -56.72 25.07 18.87
C VAL B 52 -55.23 25.30 19.07
N ASN B 53 -54.84 26.57 19.25
CA ASN B 53 -53.44 26.92 19.46
C ASN B 53 -52.89 26.31 20.75
N SER B 54 -53.72 26.26 21.79
CA SER B 54 -53.31 25.67 23.06
C SER B 54 -53.05 24.17 22.92
N ILE B 55 -53.95 23.49 22.22
CA ILE B 55 -53.82 22.06 21.98
C ILE B 55 -52.54 21.79 21.19
N ILE B 56 -52.31 22.61 20.16
CA ILE B 56 -51.12 22.48 19.33
C ILE B 56 -49.85 22.68 20.16
N ASN B 57 -49.87 23.69 21.03
CA ASN B 57 -48.72 23.98 21.89
C ASN B 57 -48.39 22.84 22.85
N LYS B 58 -49.43 22.25 23.44
CA LYS B 58 -49.23 21.16 24.40
C LYS B 58 -48.76 19.89 23.72
N MET B 59 -49.11 19.76 22.44
CA MET B 59 -48.73 18.58 21.66
C MET B 59 -47.41 18.79 20.92
N ASN B 60 -46.67 19.83 21.28
CA ASN B 60 -45.51 20.26 20.50
C ASN B 60 -44.19 19.64 20.98
N THR B 61 -44.28 18.49 21.63
CA THR B 61 -43.09 17.69 21.90
C THR B 61 -43.22 16.36 21.17
N GLN B 62 -42.10 15.71 20.89
CA GLN B 62 -42.12 14.43 20.19
C GLN B 62 -41.29 13.39 20.93
N PHE B 63 -41.87 12.22 21.14
CA PHE B 63 -41.07 11.07 21.52
C PHE B 63 -40.33 10.60 20.27
N GLU B 64 -39.05 10.26 20.41
CA GLU B 64 -38.26 9.88 19.26
C GLU B 64 -37.74 8.44 19.35
N ALA B 65 -38.24 7.60 18.46
CA ALA B 65 -37.74 6.23 18.33
C ALA B 65 -36.37 6.26 17.66
N VAL B 66 -35.52 5.28 17.98
CA VAL B 66 -34.17 5.25 17.44
C VAL B 66 -33.96 4.04 16.54
N ASP B 67 -32.95 4.16 15.66
CA ASP B 67 -32.63 3.10 14.72
C ASP B 67 -31.60 2.12 15.28
N HIS B 68 -31.42 2.13 16.60
CA HIS B 68 -30.40 1.29 17.22
C HIS B 68 -30.69 -0.19 17.03
N GLU B 69 -29.63 -0.96 16.80
CA GLU B 69 -29.75 -2.39 16.59
C GLU B 69 -29.32 -3.16 17.82
N PHE B 70 -29.79 -4.39 17.92
CA PHE B 70 -29.44 -5.25 19.05
C PHE B 70 -29.09 -6.65 18.57
N SER B 71 -28.01 -7.20 19.11
CA SER B 71 -27.53 -8.51 18.67
C SER B 71 -28.44 -9.64 19.13
N ASN B 72 -28.08 -10.86 18.78
CA ASN B 72 -28.86 -12.04 19.16
C ASN B 72 -28.84 -12.28 20.66
N LEU B 73 -27.82 -11.74 21.33
CA LEU B 73 -27.70 -11.89 22.78
C LEU B 73 -28.17 -10.63 23.50
N GLU B 74 -28.97 -9.83 22.80
CA GLU B 74 -29.52 -8.61 23.38
C GLU B 74 -31.02 -8.55 23.16
N ARG B 75 -31.66 -9.71 23.26
CA ARG B 75 -33.11 -9.81 23.07
C ARG B 75 -33.89 -9.05 24.14
N ARG B 76 -33.34 -9.00 25.35
CA ARG B 76 -34.03 -8.39 26.47
C ARG B 76 -34.05 -6.86 26.37
N ILE B 77 -32.89 -6.25 26.19
CA ILE B 77 -32.84 -4.80 26.05
C ILE B 77 -33.42 -4.38 24.70
N GLY B 78 -33.35 -5.27 23.72
CA GLY B 78 -33.98 -5.05 22.44
C GLY B 78 -35.49 -4.97 22.57
N ASN B 79 -36.05 -5.89 23.34
CA ASN B 79 -37.49 -5.93 23.57
C ASN B 79 -37.91 -4.82 24.53
N LEU B 80 -36.99 -4.42 25.39
CA LEU B 80 -37.24 -3.31 26.31
C LEU B 80 -37.46 -2.03 25.51
N ASN B 81 -36.59 -1.78 24.54
CA ASN B 81 -36.69 -0.60 23.70
C ASN B 81 -37.99 -0.59 22.90
N LYS B 82 -38.37 -1.76 22.37
CA LYS B 82 -39.59 -1.87 21.57
C LYS B 82 -40.83 -1.58 22.41
N ARG B 83 -40.89 -2.18 23.60
CA ARG B 83 -42.04 -1.98 24.48
C ARG B 83 -42.12 -0.54 24.97
N MET B 84 -40.97 0.08 25.17
CA MET B 84 -40.94 1.49 25.57
C MET B 84 -41.50 2.39 24.48
N GLU B 85 -40.98 2.23 23.27
CA GLU B 85 -41.38 3.05 22.13
C GLU B 85 -42.86 2.84 21.80
N ASP B 86 -43.30 1.58 21.81
CA ASP B 86 -44.70 1.27 21.60
C ASP B 86 -45.54 1.83 22.74
N GLY B 87 -44.99 1.80 23.94
CA GLY B 87 -45.67 2.34 25.11
C GLY B 87 -46.04 3.81 24.99
N PHE B 88 -45.06 4.63 24.60
CA PHE B 88 -45.31 6.05 24.46
C PHE B 88 -46.19 6.35 23.25
N LEU B 89 -46.03 5.55 22.20
CA LEU B 89 -46.90 5.62 21.03
C LEU B 89 -48.36 5.45 21.42
N ASP B 90 -48.64 4.45 22.24
CA ASP B 90 -50.01 4.19 22.69
C ASP B 90 -50.53 5.30 23.60
N VAL B 91 -49.66 5.82 24.46
CA VAL B 91 -50.03 6.90 25.36
C VAL B 91 -50.44 8.16 24.57
N TRP B 92 -49.60 8.55 23.61
CA TRP B 92 -49.85 9.76 22.85
C TRP B 92 -51.00 9.61 21.86
N THR B 93 -51.14 8.42 21.30
CA THR B 93 -52.29 8.13 20.44
C THR B 93 -53.57 8.28 21.24
N TYR B 94 -53.57 7.70 22.45
CA TYR B 94 -54.69 7.86 23.38
C TYR B 94 -54.96 9.32 23.68
N ASN B 95 -53.93 10.05 24.10
CA ASN B 95 -54.06 11.44 24.49
C ASN B 95 -54.67 12.29 23.38
N ALA B 96 -54.19 12.11 22.16
CA ALA B 96 -54.66 12.89 21.02
C ALA B 96 -56.10 12.56 20.66
N GLU B 97 -56.41 11.26 20.55
CA GLU B 97 -57.74 10.84 20.13
C GLU B 97 -58.81 11.16 21.16
N LEU B 98 -58.46 11.01 22.45
CA LEU B 98 -59.41 11.26 23.52
C LEU B 98 -59.67 12.76 23.64
N LEU B 99 -58.60 13.56 23.56
CA LEU B 99 -58.71 15.01 23.64
C LEU B 99 -59.61 15.57 22.54
N VAL B 100 -59.43 15.05 21.31
CA VAL B 100 -60.20 15.51 20.16
C VAL B 100 -61.69 15.23 20.37
N LEU B 101 -62.03 14.03 20.82
CA LEU B 101 -63.42 13.66 21.06
C LEU B 101 -64.04 14.54 22.14
N LEU B 102 -63.27 14.77 23.20
CA LEU B 102 -63.73 15.58 24.32
C LEU B 102 -63.93 17.04 23.92
N GLU B 103 -62.94 17.61 23.24
CA GLU B 103 -63.01 19.01 22.86
C GLU B 103 -64.03 19.27 21.77
N ASN B 104 -64.24 18.31 20.88
CA ASN B 104 -65.27 18.44 19.85
C ASN B 104 -66.64 18.54 20.50
N GLU B 105 -66.88 17.72 21.52
CA GLU B 105 -68.16 17.76 22.23
C GLU B 105 -68.37 19.12 22.90
N ARG B 106 -67.30 19.65 23.50
CA ARG B 106 -67.41 20.88 24.28
C ARG B 106 -67.47 22.10 23.35
N THR B 107 -66.77 22.02 22.23
CA THR B 107 -66.79 23.10 21.23
C THR B 107 -68.20 23.30 20.69
N LEU B 108 -68.87 22.20 20.36
CA LEU B 108 -70.23 22.27 19.83
C LEU B 108 -71.20 22.81 20.87
N ASP B 109 -70.98 22.44 22.14
CA ASP B 109 -71.79 22.95 23.24
C ASP B 109 -71.60 24.45 23.42
N LEU B 110 -70.35 24.90 23.26
CA LEU B 110 -70.02 26.32 23.36
C LEU B 110 -70.82 27.14 22.35
N HIS B 111 -70.85 26.68 21.10
CA HIS B 111 -71.61 27.35 20.05
C HIS B 111 -73.09 27.35 20.40
N ASP B 112 -73.58 26.23 20.91
CA ASP B 112 -74.96 26.09 21.32
C ASP B 112 -75.32 27.11 22.39
N ALA B 113 -74.42 27.27 23.37
CA ALA B 113 -74.65 28.20 24.47
C ALA B 113 -74.65 29.65 23.99
N ASN B 114 -73.73 29.96 23.07
CA ASN B 114 -73.61 31.31 22.54
C ASN B 114 -74.88 31.73 21.79
N VAL B 115 -75.50 30.78 21.10
CA VAL B 115 -76.74 31.04 20.39
C VAL B 115 -77.86 31.27 21.40
N LYS B 116 -77.94 30.38 22.39
CA LYS B 116 -78.89 30.48 23.48
C LYS B 116 -78.80 31.84 24.18
N ASN B 117 -77.57 32.25 24.50
CA ASN B 117 -77.34 33.50 25.22
C ASN B 117 -77.67 34.71 24.35
N LEU B 118 -77.44 34.61 23.05
CA LEU B 118 -77.79 35.69 22.13
C LEU B 118 -79.31 35.85 22.08
N TYR B 119 -80.01 34.73 22.03
CA TYR B 119 -81.46 34.73 22.08
C TYR B 119 -81.99 35.37 23.37
N GLU B 120 -81.40 35.00 24.50
CA GLU B 120 -81.80 35.51 25.80
C GLU B 120 -81.59 37.03 25.86
N LYS B 121 -80.52 37.47 25.22
CA LYS B 121 -80.11 38.87 25.24
C LYS B 121 -81.14 39.75 24.53
N VAL B 122 -81.78 39.19 23.51
CA VAL B 122 -82.79 39.91 22.76
C VAL B 122 -84.13 39.87 23.51
N LYS B 123 -84.49 38.69 23.99
CA LYS B 123 -85.69 38.49 24.79
C LYS B 123 -85.74 39.46 25.97
N SER B 124 -84.59 39.67 26.59
CA SER B 124 -84.46 40.55 27.76
C SER B 124 -84.79 42.00 27.43
N GLN B 125 -84.31 42.49 26.28
CA GLN B 125 -84.56 43.87 25.88
C GLN B 125 -86.01 44.10 25.46
N LEU B 126 -86.56 43.16 24.70
CA LEU B 126 -87.85 43.36 24.05
C LEU B 126 -89.01 43.29 25.04
N ARG B 127 -88.92 42.36 25.99
CA ARG B 127 -89.97 42.14 26.98
C ARG B 127 -91.31 41.87 26.30
N ASP B 128 -92.36 42.58 26.71
CA ASP B 128 -93.68 42.35 26.16
C ASP B 128 -93.99 43.27 24.96
N ASN B 129 -93.00 44.05 24.54
CA ASN B 129 -93.14 44.84 23.31
C ASN B 129 -93.03 43.96 22.07
N ALA B 130 -92.77 42.68 22.27
CA ALA B 130 -92.72 41.73 21.15
C ALA B 130 -93.31 40.38 21.55
N ASN B 131 -93.64 39.58 20.54
CA ASN B 131 -94.20 38.26 20.78
C ASN B 131 -93.19 37.17 20.41
N ASP B 132 -92.87 36.32 21.38
CA ASP B 132 -91.91 35.24 21.18
C ASP B 132 -92.60 34.06 20.51
N LEU B 133 -92.20 33.75 19.29
CA LEU B 133 -92.83 32.68 18.51
C LEU B 133 -92.32 31.30 18.91
N GLY B 134 -91.30 31.24 19.75
CA GLY B 134 -90.76 29.97 20.21
C GLY B 134 -89.72 29.34 19.30
N ASN B 135 -89.37 30.02 18.23
CA ASN B 135 -88.39 29.50 17.28
C ASN B 135 -87.22 30.46 17.11
N GLY B 136 -87.02 31.32 18.11
CA GLY B 136 -85.97 32.32 18.06
C GLY B 136 -86.41 33.60 17.37
N CYS B 137 -87.66 33.65 16.94
CA CYS B 137 -88.18 34.83 16.25
C CYS B 137 -89.11 35.64 17.14
N PHE B 138 -89.00 36.96 17.05
CA PHE B 138 -89.86 37.85 17.81
C PHE B 138 -90.67 38.75 16.88
N GLU B 139 -91.99 38.75 17.07
CA GLU B 139 -92.86 39.65 16.31
C GLU B 139 -93.16 40.90 17.15
N PHE B 140 -92.73 42.05 16.66
CA PHE B 140 -92.91 43.31 17.37
C PHE B 140 -94.39 43.72 17.43
N TRP B 141 -94.80 44.29 18.56
CA TRP B 141 -96.13 44.87 18.68
C TRP B 141 -96.12 46.32 18.25
N HIS B 142 -95.01 46.74 17.63
CA HIS B 142 -94.83 48.11 17.17
C HIS B 142 -93.99 48.13 15.90
N LYS B 143 -93.99 49.27 15.21
CA LYS B 143 -93.17 49.41 14.02
C LYS B 143 -91.71 49.59 14.41
N CYS B 144 -90.85 48.70 13.89
CA CYS B 144 -89.43 48.72 14.22
C CYS B 144 -88.61 48.89 12.95
N ASP B 145 -88.17 50.13 12.70
CA ASP B 145 -87.42 50.42 11.49
C ASP B 145 -85.97 49.96 11.60
N ASN B 146 -85.14 50.33 10.62
CA ASN B 146 -83.76 49.87 10.56
C ASN B 146 -82.94 50.27 11.79
N GLU B 147 -83.20 51.45 12.33
CA GLU B 147 -82.45 51.90 13.49
C GLU B 147 -82.97 51.29 14.79
N CYS B 148 -84.27 50.98 14.80
CA CYS B 148 -84.85 50.22 15.90
C CYS B 148 -84.26 48.81 15.93
N MET B 149 -84.22 48.18 14.76
CA MET B 149 -83.60 46.86 14.60
C MET B 149 -82.15 46.84 15.07
N GLU B 150 -81.39 47.84 14.64
CA GLU B 150 -79.97 47.91 14.96
C GLU B 150 -79.76 48.12 16.46
N SER B 151 -80.70 48.81 17.10
CA SER B 151 -80.61 49.05 18.54
C SER B 151 -80.81 47.75 19.31
N VAL B 152 -81.64 46.87 18.77
CA VAL B 152 -81.82 45.54 19.36
C VAL B 152 -80.53 44.75 19.22
N LYS B 153 -79.92 44.86 18.04
CA LYS B 153 -78.72 44.08 17.73
C LYS B 153 -77.51 44.57 18.52
N ASN B 154 -77.47 45.85 18.87
CA ASN B 154 -76.31 46.37 19.57
C ASN B 154 -76.61 46.63 21.05
N GLY B 155 -77.76 46.14 21.50
CA GLY B 155 -78.08 46.12 22.92
C GLY B 155 -78.59 47.41 23.53
N THR B 156 -79.04 48.34 22.70
CA THR B 156 -79.52 49.62 23.20
C THR B 156 -80.98 49.88 22.85
N TYR B 157 -81.75 48.80 22.69
CA TYR B 157 -83.17 48.90 22.38
C TYR B 157 -83.91 49.68 23.47
N ASP B 158 -84.74 50.63 23.04
CA ASP B 158 -85.45 51.51 23.95
C ASP B 158 -86.87 51.02 24.22
N TYR B 159 -87.01 50.17 25.23
CA TYR B 159 -88.31 49.62 25.60
C TYR B 159 -89.37 50.68 25.97
N PRO B 160 -89.02 51.68 26.80
CA PRO B 160 -90.04 52.68 27.11
C PRO B 160 -90.55 53.46 25.89
N LYS B 161 -89.66 53.69 24.92
CA LYS B 161 -90.01 54.44 23.72
C LYS B 161 -91.19 53.82 22.96
N TYR B 162 -91.26 52.50 22.95
CA TYR B 162 -92.30 51.80 22.20
C TYR B 162 -93.32 51.13 23.12
N GLN B 163 -93.26 51.43 24.40
CA GLN B 163 -94.11 50.74 25.38
C GLN B 163 -95.60 50.98 25.16
N LYS B 164 -95.98 52.24 25.05
CA LYS B 164 -97.40 52.60 24.93
C LYS B 164 -98.00 52.06 23.63
N GLU B 165 -97.28 52.23 22.52
CA GLU B 165 -97.75 51.73 21.22
C GLU B 165 -97.92 50.21 21.25
N SER B 166 -96.93 49.51 21.80
CA SER B 166 -96.97 48.05 21.90
C SER B 166 -98.16 47.57 22.72
N LYS B 167 -98.36 48.19 23.88
CA LYS B 167 -99.46 47.86 24.77
C LYS B 167 -100.80 47.98 24.06
N LEU B 168 -100.98 49.09 23.34
CA LEU B 168 -102.21 49.34 22.59
C LEU B 168 -102.48 48.24 21.56
N ASN B 169 -101.45 47.87 20.80
CA ASN B 169 -101.58 46.84 19.79
C ASN B 169 -101.71 45.45 20.41
N ARG B 170 -101.03 45.26 21.54
CA ARG B 170 -101.10 43.99 22.26
C ARG B 170 -102.47 43.81 22.92
N GLN B 171 -103.03 44.93 23.39
CA GLN B 171 -104.33 44.90 24.07
C GLN B 171 -105.37 45.68 23.27
N ASP C 1 -11.96 21.11 -6.80
CA ASP C 1 -11.63 19.77 -7.26
C ASP C 1 -10.50 19.79 -8.29
N LYS C 2 -9.44 19.05 -7.99
CA LYS C 2 -8.23 19.08 -8.79
C LYS C 2 -7.63 17.70 -9.00
N ILE C 3 -6.97 17.51 -10.14
CA ILE C 3 -6.10 16.36 -10.33
C ILE C 3 -4.79 16.86 -10.94
N CYS C 4 -3.68 16.32 -10.45
CA CYS C 4 -2.35 16.74 -10.91
C CYS C 4 -1.54 15.56 -11.40
N ILE C 5 -0.69 15.79 -12.38
CA ILE C 5 0.24 14.77 -12.85
C ILE C 5 1.61 15.09 -12.26
N GLY C 6 2.32 14.07 -11.79
CA GLY C 6 3.61 14.28 -11.17
C GLY C 6 4.48 13.03 -11.14
N TYR C 7 5.65 13.17 -10.51
CA TYR C 7 6.63 12.09 -10.52
C TYR C 7 7.25 11.87 -9.14
N HIS C 8 7.83 10.70 -8.96
CA HIS C 8 8.40 10.27 -7.68
C HIS C 8 9.59 11.12 -7.23
N ALA C 9 9.63 11.40 -5.94
CA ALA C 9 10.82 11.95 -5.29
C ALA C 9 11.06 11.20 -4.00
N ASN C 10 12.31 11.17 -3.53
CA ASN C 10 12.63 10.51 -2.27
C ASN C 10 13.82 11.16 -1.59
N ASN C 11 14.41 10.48 -0.61
CA ASN C 11 15.46 11.11 0.18
C ASN C 11 16.87 10.70 -0.28
N SER C 12 16.94 10.18 -1.50
CA SER C 12 18.22 9.78 -2.11
C SER C 12 19.18 10.95 -2.30
N THR C 13 20.46 10.72 -2.00
CA THR C 13 21.51 11.69 -2.28
C THR C 13 22.53 11.08 -3.23
N THR C 14 22.21 9.89 -3.72
CA THR C 14 23.07 9.17 -4.66
C THR C 14 23.03 9.84 -6.04
N GLN C 15 24.21 10.06 -6.60
CA GLN C 15 24.30 10.82 -7.85
C GLN C 15 24.89 10.00 -9.00
N VAL C 16 24.58 10.40 -10.22
CA VAL C 16 25.15 9.81 -11.42
C VAL C 16 25.64 10.92 -12.35
N ASP C 17 26.45 10.54 -13.34
CA ASP C 17 26.87 11.48 -14.36
C ASP C 17 26.24 11.12 -15.70
N THR C 18 26.00 12.13 -16.53
CA THR C 18 25.54 11.92 -17.89
C THR C 18 26.47 12.66 -18.81
N LEU C 19 26.30 12.49 -20.12
CA LEU C 19 27.07 13.24 -21.10
C LEU C 19 26.83 14.74 -20.94
N LEU C 20 25.60 15.09 -20.58
CA LEU C 20 25.20 16.50 -20.50
C LEU C 20 25.49 17.13 -19.14
N GLU C 21 25.44 16.33 -18.08
CA GLU C 21 25.50 16.88 -16.73
C GLU C 21 26.15 15.93 -15.75
N LYS C 22 27.03 16.47 -14.91
CA LYS C 22 27.67 15.69 -13.86
C LYS C 22 26.90 15.81 -12.57
N ASN C 23 27.05 14.82 -11.70
CA ASN C 23 26.50 14.87 -10.34
C ASN C 23 24.99 15.10 -10.32
N VAL C 24 24.24 14.25 -11.01
CA VAL C 24 22.78 14.34 -10.97
C VAL C 24 22.23 13.37 -9.95
N THR C 25 21.49 13.91 -8.98
CA THR C 25 20.88 13.08 -7.94
C THR C 25 19.65 12.39 -8.51
N VAL C 26 19.60 11.06 -8.36
CA VAL C 26 18.50 10.28 -8.91
C VAL C 26 17.83 9.44 -7.82
N THR C 27 16.55 9.16 -8.01
CA THR C 27 15.76 8.43 -7.03
C THR C 27 16.22 6.98 -6.90
N HIS C 28 16.67 6.40 -8.00
CA HIS C 28 17.13 5.01 -8.02
C HIS C 28 18.28 4.81 -8.99
N SER C 29 19.24 3.98 -8.59
CA SER C 29 20.41 3.70 -9.42
C SER C 29 21.06 2.39 -9.00
N VAL C 30 21.95 1.88 -9.84
CA VAL C 30 22.66 0.63 -9.53
C VAL C 30 24.14 0.78 -9.86
N GLU C 31 24.98 0.37 -8.92
CA GLU C 31 26.43 0.37 -9.12
C GLU C 31 26.87 -0.94 -9.78
N LEU C 32 27.52 -0.84 -10.93
CA LEU C 32 27.91 -2.02 -11.68
C LEU C 32 29.34 -2.48 -11.38
N LEU C 33 30.12 -1.64 -10.72
CA LEU C 33 31.53 -1.94 -10.48
C LEU C 33 31.81 -2.33 -9.03
N GLU C 34 32.59 -3.39 -8.86
CA GLU C 34 33.02 -3.85 -7.54
C GLU C 34 34.43 -3.36 -7.23
N ASN C 35 34.61 -2.73 -6.07
CA ASN C 35 35.95 -2.31 -5.65
C ASN C 35 36.39 -2.93 -4.32
N GLN C 36 35.61 -3.89 -3.82
CA GLN C 36 35.95 -4.55 -2.56
C GLN C 36 36.55 -5.93 -2.78
N LYS C 37 37.52 -6.28 -1.94
CA LYS C 37 38.20 -7.56 -2.02
C LYS C 37 38.48 -8.13 -0.63
N GLU C 38 38.48 -9.45 -0.51
CA GLU C 38 38.99 -10.10 0.68
C GLU C 38 40.47 -10.38 0.48
N LYS C 39 41.33 -9.71 1.24
CA LYS C 39 42.77 -9.82 1.03
C LYS C 39 43.30 -11.18 1.48
N ARG C 40 42.98 -12.21 0.70
CA ARG C 40 43.34 -13.58 1.03
C ARG C 40 43.12 -14.51 -0.16
N PHE C 41 43.65 -15.72 -0.07
CA PHE C 41 43.41 -16.74 -1.08
C PHE C 41 42.46 -17.81 -0.54
N CYS C 42 41.53 -18.25 -1.38
CA CYS C 42 40.57 -19.27 -0.98
C CYS C 42 40.58 -20.42 -1.97
N LYS C 43 39.74 -21.42 -1.73
CA LYS C 43 39.60 -22.55 -2.65
C LYS C 43 38.76 -22.15 -3.86
N ILE C 44 39.03 -22.80 -4.99
CA ILE C 44 38.27 -22.56 -6.21
C ILE C 44 37.64 -23.88 -6.65
N MET C 45 36.31 -23.90 -6.67
CA MET C 45 35.53 -25.13 -6.88
C MET C 45 35.91 -26.14 -5.82
N ASN C 46 35.99 -25.66 -4.58
CA ASN C 46 36.36 -26.42 -3.40
C ASN C 46 37.69 -27.16 -3.58
N LYS C 47 38.53 -26.67 -4.49
CA LYS C 47 39.87 -27.21 -4.65
C LYS C 47 40.89 -26.21 -4.11
N ALA C 48 41.79 -26.70 -3.24
CA ALA C 48 42.75 -25.82 -2.59
C ALA C 48 43.91 -25.47 -3.51
N PRO C 49 44.46 -24.26 -3.36
CA PRO C 49 45.66 -23.86 -4.08
C PRO C 49 46.92 -24.51 -3.53
N LEU C 50 48.00 -24.47 -4.29
CA LEU C 50 49.28 -25.00 -3.84
C LEU C 50 50.19 -23.88 -3.35
N ASP C 51 50.46 -23.87 -2.05
CA ASP C 51 51.39 -22.91 -1.47
C ASP C 51 52.82 -23.43 -1.61
N LEU C 52 53.67 -22.69 -2.33
CA LEU C 52 55.04 -23.11 -2.55
C LEU C 52 55.94 -22.67 -1.40
N LYS C 53 55.39 -21.85 -0.51
CA LYS C 53 56.07 -21.42 0.72
C LYS C 53 57.43 -20.76 0.46
N ASP C 54 58.48 -21.39 0.95
CA ASP C 54 59.83 -20.84 0.85
C ASP C 54 60.54 -21.36 -0.39
N CYS C 55 59.83 -22.13 -1.20
CA CYS C 55 60.40 -22.67 -2.42
C CYS C 55 59.85 -21.96 -3.66
N THR C 56 60.71 -21.75 -4.64
CA THR C 56 60.28 -21.23 -5.94
C THR C 56 59.79 -22.39 -6.79
N ILE C 57 59.22 -22.07 -7.95
CA ILE C 57 58.79 -23.10 -8.89
C ILE C 57 59.95 -24.04 -9.21
N GLU C 58 61.12 -23.48 -9.48
CA GLU C 58 62.29 -24.28 -9.81
C GLU C 58 62.64 -25.26 -8.69
N GLY C 59 62.76 -24.74 -7.47
CA GLY C 59 63.05 -25.56 -6.31
C GLY C 59 62.06 -26.69 -6.09
N TRP C 60 60.81 -26.43 -6.44
CA TRP C 60 59.73 -27.40 -6.27
C TRP C 60 59.87 -28.60 -7.21
N ILE C 61 59.90 -28.38 -8.52
CA ILE C 61 59.85 -29.48 -9.46
C ILE C 61 61.23 -30.07 -9.75
N LEU C 62 62.29 -29.36 -9.36
CA LEU C 62 63.63 -29.94 -9.45
C LEU C 62 63.86 -30.85 -8.25
N GLY C 63 63.17 -30.58 -7.16
CA GLY C 63 63.31 -31.37 -5.95
C GLY C 63 64.42 -30.89 -5.02
N ASN C 64 64.55 -29.57 -4.90
CA ASN C 64 65.48 -28.96 -3.95
C ASN C 64 65.26 -29.58 -2.57
N PRO C 65 66.36 -30.07 -1.96
CA PRO C 65 66.33 -30.81 -0.69
C PRO C 65 65.59 -30.09 0.43
N LYS C 66 65.47 -28.77 0.33
CA LYS C 66 64.75 -27.98 1.32
C LYS C 66 63.28 -27.80 0.93
N CYS C 67 62.82 -28.55 -0.07
CA CYS C 67 61.46 -28.45 -0.54
C CYS C 67 60.72 -29.79 -0.39
N ASP C 68 61.17 -30.60 0.56
CA ASP C 68 60.61 -31.93 0.77
C ASP C 68 59.15 -31.88 1.23
N LEU C 69 58.75 -30.76 1.81
CA LEU C 69 57.36 -30.54 2.21
C LEU C 69 56.43 -30.64 1.01
N LEU C 70 56.92 -30.20 -0.14
CA LEU C 70 56.13 -30.20 -1.38
C LEU C 70 56.28 -31.51 -2.14
N LEU C 71 57.32 -32.26 -1.83
CA LEU C 71 57.73 -33.43 -2.61
C LEU C 71 56.62 -34.46 -2.81
N GLY C 72 56.49 -34.94 -4.05
CA GLY C 72 55.50 -35.95 -4.38
C GLY C 72 54.32 -35.45 -5.18
N ASP C 73 53.14 -36.04 -4.91
CA ASP C 73 51.92 -35.70 -5.63
C ASP C 73 51.34 -34.37 -5.16
N GLN C 74 50.84 -33.58 -6.12
CA GLN C 74 50.15 -32.34 -5.79
C GLN C 74 48.94 -32.12 -6.69
N SER C 75 47.85 -31.64 -6.09
CA SER C 75 46.71 -31.15 -6.84
C SER C 75 46.46 -29.70 -6.46
N TRP C 76 46.08 -28.87 -7.43
CA TRP C 76 45.89 -27.46 -7.16
C TRP C 76 44.87 -26.80 -8.09
N SER C 77 44.19 -25.79 -7.58
CA SER C 77 43.29 -24.97 -8.39
C SER C 77 44.10 -23.81 -8.98
N TYR C 78 45.17 -23.43 -8.26
CA TYR C 78 46.15 -22.47 -8.75
C TYR C 78 47.39 -22.51 -7.86
N ILE C 79 48.45 -21.82 -8.28
CA ILE C 79 49.71 -21.87 -7.56
C ILE C 79 50.03 -20.51 -6.92
N VAL C 80 50.42 -20.53 -5.66
CA VAL C 80 50.87 -19.33 -4.97
C VAL C 80 52.38 -19.42 -4.74
N GLU C 81 53.12 -18.48 -5.30
CA GLU C 81 54.56 -18.40 -5.09
C GLU C 81 54.90 -17.16 -4.29
N ARG C 82 55.63 -17.34 -3.19
CA ARG C 82 56.00 -16.22 -2.33
C ARG C 82 57.19 -15.46 -2.92
N PRO C 83 57.11 -14.11 -2.91
CA PRO C 83 58.08 -13.23 -3.57
C PRO C 83 59.52 -13.37 -3.09
N ASN C 84 59.72 -13.73 -1.83
CA ASN C 84 61.07 -13.82 -1.29
C ASN C 84 61.45 -15.26 -0.98
N ALA C 85 60.88 -16.20 -1.72
CA ALA C 85 61.19 -17.61 -1.54
C ALA C 85 62.66 -17.87 -1.85
N GLN C 86 63.33 -18.61 -0.96
CA GLN C 86 64.77 -18.75 -1.03
C GLN C 86 65.24 -20.04 -1.68
N ASN C 87 64.37 -21.05 -1.70
CA ASN C 87 64.78 -22.38 -2.15
C ASN C 87 64.44 -22.64 -3.62
N GLY C 88 65.35 -22.27 -4.49
CA GLY C 88 65.22 -22.54 -5.91
C GLY C 88 66.32 -23.43 -6.43
N ILE C 89 67.10 -22.92 -7.38
CA ILE C 89 68.25 -23.64 -7.90
C ILE C 89 69.43 -23.45 -6.97
N CYS C 90 69.81 -24.50 -6.26
CA CYS C 90 70.85 -24.39 -5.23
C CYS C 90 72.25 -24.47 -5.84
N TYR C 91 72.48 -25.45 -6.70
CA TYR C 91 73.74 -25.52 -7.43
C TYR C 91 73.63 -24.64 -8.67
N PRO C 92 74.44 -23.58 -8.74
CA PRO C 92 74.30 -22.51 -9.73
C PRO C 92 74.25 -23.00 -11.17
N GLY C 93 73.51 -22.28 -12.01
CA GLY C 93 73.32 -22.66 -13.40
C GLY C 93 71.96 -22.23 -13.91
N VAL C 94 71.74 -22.41 -15.20
CA VAL C 94 70.51 -21.96 -15.84
C VAL C 94 69.56 -23.12 -16.12
N LEU C 95 68.30 -22.96 -15.73
CA LEU C 95 67.25 -23.88 -16.14
C LEU C 95 66.69 -23.37 -17.47
N ASN C 96 66.96 -24.12 -18.54
CA ASN C 96 66.67 -23.65 -19.89
C ASN C 96 65.19 -23.69 -20.21
N GLU C 97 64.75 -22.70 -20.98
CA GLU C 97 63.33 -22.50 -21.31
C GLU C 97 62.51 -22.42 -20.03
N LEU C 98 62.96 -21.60 -19.09
CA LEU C 98 62.32 -21.45 -17.80
C LEU C 98 60.91 -20.86 -17.91
N GLU C 99 60.75 -19.87 -18.78
CA GLU C 99 59.48 -19.17 -18.91
C GLU C 99 58.42 -20.10 -19.51
N GLU C 100 58.82 -20.88 -20.51
CA GLU C 100 57.94 -21.88 -21.10
C GLU C 100 57.59 -22.97 -20.10
N LEU C 101 58.54 -23.33 -19.24
CA LEU C 101 58.30 -24.33 -18.20
C LEU C 101 57.25 -23.84 -17.21
N LYS C 102 57.37 -22.59 -16.78
CA LYS C 102 56.41 -21.99 -15.86
C LYS C 102 55.02 -21.93 -16.48
N ALA C 103 54.97 -21.63 -17.77
CA ALA C 103 53.70 -21.55 -18.48
C ALA C 103 53.07 -22.93 -18.59
N PHE C 104 53.89 -23.94 -18.84
CA PHE C 104 53.41 -25.32 -18.93
C PHE C 104 52.88 -25.80 -17.59
N ILE C 105 53.64 -25.57 -16.53
CA ILE C 105 53.24 -25.99 -15.19
C ILE C 105 51.94 -25.29 -14.79
N GLY C 106 51.83 -24.01 -15.11
CA GLY C 106 50.63 -23.25 -14.83
C GLY C 106 49.38 -23.78 -15.50
N SER C 107 49.55 -24.45 -16.63
CA SER C 107 48.43 -24.98 -17.39
C SER C 107 47.96 -26.34 -16.87
N GLY C 108 48.51 -26.76 -15.72
CA GLY C 108 48.16 -28.03 -15.13
C GLY C 108 47.37 -27.91 -13.85
N GLU C 109 46.89 -29.05 -13.35
CA GLU C 109 46.13 -29.06 -12.10
C GLU C 109 46.62 -30.16 -11.15
N ARG C 110 47.45 -31.06 -11.67
CA ARG C 110 47.95 -32.17 -10.88
C ARG C 110 49.22 -32.81 -11.46
N VAL C 111 50.18 -33.09 -10.59
CA VAL C 111 51.35 -33.88 -10.96
C VAL C 111 51.45 -35.10 -10.05
N GLU C 112 51.90 -36.21 -10.62
CA GLU C 112 52.15 -37.43 -9.84
C GLU C 112 53.60 -37.86 -9.96
N ARG C 113 54.34 -37.72 -8.87
CA ARG C 113 55.76 -38.06 -8.87
C ARG C 113 55.97 -39.58 -8.82
N PHE C 114 56.85 -40.06 -9.69
CA PHE C 114 57.19 -41.48 -9.74
C PHE C 114 58.66 -41.62 -10.11
N GLU C 115 59.21 -42.81 -9.88
CA GLU C 115 60.61 -43.07 -10.23
C GLU C 115 60.69 -43.47 -11.71
N MET C 116 61.41 -42.66 -12.48
CA MET C 116 61.47 -42.85 -13.93
C MET C 116 62.74 -43.60 -14.32
N PHE C 117 63.84 -43.30 -13.63
CA PHE C 117 65.09 -44.03 -13.79
C PHE C 117 65.71 -44.31 -12.43
N PRO C 118 65.55 -45.55 -11.94
CA PRO C 118 66.20 -45.94 -10.68
C PRO C 118 67.72 -45.91 -10.84
N LYS C 119 68.45 -45.67 -9.76
CA LYS C 119 69.91 -45.57 -9.81
C LYS C 119 70.56 -46.83 -10.41
N SER C 120 69.82 -47.94 -10.39
CA SER C 120 70.23 -49.18 -11.05
C SER C 120 70.47 -48.97 -12.56
N THR C 121 69.84 -47.94 -13.11
CA THR C 121 69.88 -47.68 -14.54
C THR C 121 71.30 -47.54 -15.10
N TRP C 122 72.16 -46.85 -14.36
CA TRP C 122 73.47 -46.47 -14.88
C TRP C 122 74.56 -47.42 -14.38
N ALA C 123 75.01 -48.30 -15.27
CA ALA C 123 75.96 -49.35 -14.91
C ALA C 123 77.40 -48.95 -15.21
N GLY C 124 78.29 -49.19 -14.26
CA GLY C 124 79.70 -48.89 -14.41
C GLY C 124 80.08 -47.50 -13.94
N VAL C 125 79.19 -46.90 -13.15
CA VAL C 125 79.40 -45.55 -12.64
C VAL C 125 78.89 -45.45 -11.21
N ASP C 126 79.16 -44.31 -10.58
CA ASP C 126 78.79 -44.09 -9.19
C ASP C 126 77.57 -43.18 -9.08
N THR C 127 76.54 -43.65 -8.38
CA THR C 127 75.32 -42.88 -8.19
C THR C 127 75.11 -42.52 -6.73
N SER C 128 76.16 -42.67 -5.92
CA SER C 128 76.07 -42.48 -4.48
C SER C 128 76.75 -41.20 -3.98
N ARG C 129 77.59 -40.60 -4.81
CA ARG C 129 78.42 -39.49 -4.38
C ARG C 129 77.98 -38.16 -4.97
N GLY C 130 76.79 -38.14 -5.55
CA GLY C 130 76.26 -36.93 -6.15
C GLY C 130 75.63 -35.96 -5.18
N VAL C 131 76.46 -35.29 -4.38
CA VAL C 131 75.99 -34.29 -3.43
C VAL C 131 76.87 -33.05 -3.49
N THR C 132 76.43 -31.97 -2.85
CA THR C 132 77.18 -30.72 -2.84
C THR C 132 76.77 -29.84 -1.68
N ASN C 133 77.57 -29.10 -1.16
CA ASN C 133 77.47 -28.14 -0.05
C ASN C 133 76.85 -26.83 -0.52
N ALA C 134 76.45 -26.83 -1.82
CA ALA C 134 75.58 -25.81 -2.40
C ALA C 134 74.10 -26.20 -2.24
N CYS C 135 73.85 -27.49 -2.11
CA CYS C 135 72.48 -27.99 -1.99
C CYS C 135 72.23 -28.76 -0.69
N PRO C 136 72.26 -28.07 0.46
CA PRO C 136 72.00 -28.76 1.72
C PRO C 136 70.52 -29.02 1.95
N SER C 137 70.20 -30.09 2.67
CA SER C 137 68.85 -30.29 3.16
C SER C 137 68.73 -29.58 4.50
N TYR C 138 67.66 -29.86 5.24
CA TYR C 138 67.46 -29.23 6.54
C TYR C 138 68.25 -29.96 7.63
N THR C 139 68.76 -31.14 7.31
CA THR C 139 69.49 -31.95 8.28
C THR C 139 70.90 -32.31 7.82
N ILE C 140 71.16 -32.19 6.52
CA ILE C 140 72.44 -32.59 5.94
C ILE C 140 73.07 -31.42 5.18
N ASP C 141 74.38 -31.25 5.34
CA ASP C 141 75.09 -30.11 4.77
C ASP C 141 75.33 -30.26 3.27
N SER C 142 75.35 -31.50 2.79
CA SER C 142 75.56 -31.76 1.37
C SER C 142 74.59 -32.79 0.83
N SER C 143 73.63 -32.31 0.02
CA SER C 143 72.64 -33.18 -0.58
C SER C 143 72.51 -32.84 -2.06
N PHE C 144 71.34 -33.14 -2.64
CA PHE C 144 71.09 -32.87 -4.05
C PHE C 144 69.61 -32.98 -4.37
N TYR C 145 69.23 -32.55 -5.57
CA TYR C 145 67.85 -32.59 -6.02
C TYR C 145 67.28 -33.99 -5.94
N ARG C 146 66.07 -34.10 -5.40
CA ARG C 146 65.43 -35.40 -5.20
C ARG C 146 65.03 -36.06 -6.51
N ASN C 147 65.03 -35.29 -7.60
CA ASN C 147 64.58 -35.78 -8.89
C ASN C 147 65.75 -36.03 -9.85
N LEU C 148 66.95 -35.63 -9.44
CA LEU C 148 68.14 -35.81 -10.27
C LEU C 148 69.22 -36.62 -9.57
N VAL C 149 70.10 -37.22 -10.36
CA VAL C 149 71.24 -37.95 -9.81
C VAL C 149 72.55 -37.44 -10.42
N TRP C 150 73.41 -36.86 -9.58
CA TRP C 150 74.72 -36.43 -10.04
C TRP C 150 75.64 -37.63 -10.10
N ILE C 151 75.95 -38.08 -11.32
CA ILE C 151 76.73 -39.29 -11.51
C ILE C 151 78.21 -38.99 -11.70
N VAL C 152 79.07 -39.72 -11.00
CA VAL C 152 80.50 -39.62 -11.18
C VAL C 152 81.06 -41.02 -11.44
N LYS C 153 82.33 -41.09 -11.79
CA LYS C 153 82.99 -42.36 -12.08
C LYS C 153 83.31 -43.17 -10.83
N THR C 154 83.55 -44.46 -11.01
CA THR C 154 84.08 -45.28 -9.93
C THR C 154 85.47 -44.72 -9.62
N ASP C 155 85.99 -45.01 -8.43
CA ASP C 155 87.16 -44.32 -7.91
C ASP C 155 88.36 -44.22 -8.87
N SER C 156 88.66 -45.29 -9.60
CA SER C 156 89.83 -45.28 -10.46
C SER C 156 89.56 -45.54 -11.95
N ALA C 157 88.43 -46.16 -12.25
CA ALA C 157 88.13 -46.55 -13.62
C ALA C 157 87.75 -45.36 -14.51
N THR C 158 87.64 -45.62 -15.81
CA THR C 158 87.19 -44.62 -16.77
C THR C 158 85.67 -44.53 -16.75
N TYR C 159 85.13 -43.44 -17.29
CA TYR C 159 83.68 -43.25 -17.35
C TYR C 159 83.16 -43.93 -18.60
N PRO C 160 82.33 -44.98 -18.44
CA PRO C 160 81.84 -45.73 -19.60
C PRO C 160 80.57 -45.13 -20.19
N VAL C 161 80.22 -45.58 -21.40
CA VAL C 161 78.96 -45.18 -22.02
C VAL C 161 77.82 -45.79 -21.23
N ILE C 162 77.08 -44.96 -20.50
CA ILE C 162 75.93 -45.41 -19.74
C ILE C 162 74.67 -45.15 -20.55
N LYS C 163 73.66 -45.99 -20.34
CA LYS C 163 72.43 -45.89 -21.13
C LYS C 163 71.19 -46.11 -20.28
N GLY C 164 70.09 -45.48 -20.71
CA GLY C 164 68.81 -45.64 -20.04
C GLY C 164 67.67 -45.46 -21.02
N THR C 165 66.59 -46.21 -20.80
CA THR C 165 65.41 -46.09 -21.66
C THR C 165 64.14 -46.13 -20.82
N TYR C 166 63.15 -45.34 -21.23
CA TYR C 166 61.85 -45.34 -20.57
C TYR C 166 60.73 -45.24 -21.61
N ASN C 167 59.77 -46.16 -21.51
CA ASN C 167 58.66 -46.17 -22.45
C ASN C 167 57.40 -45.68 -21.76
N ASN C 168 56.94 -44.49 -22.13
CA ASN C 168 55.70 -43.97 -21.55
C ASN C 168 54.52 -44.75 -22.10
N THR C 169 54.09 -45.75 -21.35
CA THR C 169 53.00 -46.62 -21.77
C THR C 169 51.68 -46.17 -21.17
N GLY C 170 51.73 -45.06 -20.42
CA GLY C 170 50.55 -44.53 -19.77
C GLY C 170 49.73 -43.62 -20.67
N THR C 171 48.74 -42.96 -20.09
CA THR C 171 47.84 -42.10 -20.84
C THR C 171 48.16 -40.62 -20.64
N GLN C 172 49.10 -40.33 -19.75
CA GLN C 172 49.42 -38.96 -19.39
C GLN C 172 50.85 -38.59 -19.80
N PRO C 173 51.05 -37.32 -20.19
CA PRO C 173 52.39 -36.82 -20.52
C PRO C 173 53.30 -36.81 -19.28
N ILE C 174 54.61 -36.89 -19.50
CA ILE C 174 55.54 -36.94 -18.39
C ILE C 174 56.51 -35.76 -18.40
N LEU C 175 56.47 -34.97 -17.34
CA LEU C 175 57.42 -33.87 -17.15
C LEU C 175 58.66 -34.38 -16.43
N TYR C 176 59.81 -34.29 -17.09
CA TYR C 176 61.05 -34.79 -16.51
C TYR C 176 62.20 -33.80 -16.72
N PHE C 177 63.26 -33.96 -15.92
CA PHE C 177 64.39 -33.04 -15.94
C PHE C 177 65.72 -33.78 -16.03
N TRP C 178 66.72 -33.11 -16.59
CA TRP C 178 68.08 -33.65 -16.62
C TRP C 178 69.08 -32.50 -16.69
N GLY C 179 70.36 -32.82 -16.63
CA GLY C 179 71.38 -31.78 -16.62
C GLY C 179 72.72 -32.15 -17.21
N VAL C 180 73.52 -31.12 -17.49
CA VAL C 180 74.90 -31.29 -17.92
C VAL C 180 75.80 -30.47 -17.01
N HIS C 181 76.83 -31.11 -16.46
CA HIS C 181 77.74 -30.42 -15.54
C HIS C 181 78.89 -29.77 -16.28
N HIS C 182 79.20 -28.54 -15.93
CA HIS C 182 80.33 -27.82 -16.51
C HIS C 182 81.35 -27.43 -15.43
N PRO C 183 82.39 -28.25 -15.27
CA PRO C 183 83.46 -27.97 -14.31
C PRO C 183 84.22 -26.68 -14.61
N LEU C 184 84.78 -26.06 -13.59
CA LEU C 184 85.50 -24.80 -13.74
C LEU C 184 86.88 -25.00 -14.41
N ASP C 185 87.49 -26.17 -14.22
CA ASP C 185 88.75 -26.48 -14.87
C ASP C 185 88.83 -27.95 -15.28
N THR C 186 89.85 -28.29 -16.06
CA THR C 186 90.03 -29.64 -16.58
C THR C 186 90.38 -30.61 -15.45
N THR C 187 90.92 -30.08 -14.36
CA THR C 187 91.28 -30.89 -13.20
C THR C 187 90.06 -31.58 -12.61
N VAL C 188 89.04 -30.78 -12.31
CA VAL C 188 87.80 -31.30 -11.76
C VAL C 188 87.11 -32.23 -12.77
N GLN C 189 87.19 -31.86 -14.04
CA GLN C 189 86.64 -32.67 -15.12
C GLN C 189 87.24 -34.08 -15.10
N ASP C 190 88.57 -34.16 -15.06
CA ASP C 190 89.26 -35.44 -15.03
C ASP C 190 88.99 -36.17 -13.72
N ASN C 191 88.98 -35.43 -12.62
CA ASN C 191 88.74 -35.98 -11.29
C ASN C 191 87.36 -36.63 -11.16
N LEU C 192 86.41 -36.17 -11.96
CA LEU C 192 85.03 -36.62 -11.83
C LEU C 192 84.56 -37.54 -12.94
N TYR C 193 85.05 -37.31 -14.15
CA TYR C 193 84.54 -38.03 -15.30
C TYR C 193 85.65 -38.66 -16.14
N GLY C 194 86.90 -38.45 -15.72
CA GLY C 194 88.03 -38.99 -16.45
C GLY C 194 88.43 -38.13 -17.63
N SER C 195 89.10 -38.73 -18.60
CA SER C 195 89.63 -37.99 -19.75
C SER C 195 88.87 -38.29 -21.03
N GLY C 196 89.08 -37.45 -22.04
CA GLY C 196 88.43 -37.62 -23.33
C GLY C 196 87.21 -36.75 -23.53
N ASP C 197 86.75 -36.66 -24.79
CA ASP C 197 85.58 -35.88 -25.12
C ASP C 197 84.32 -36.47 -24.50
N LYS C 198 83.56 -35.63 -23.81
CA LYS C 198 82.35 -36.08 -23.13
C LYS C 198 81.09 -35.56 -23.82
N TYR C 199 80.01 -36.34 -23.73
CA TYR C 199 78.76 -35.97 -24.36
C TYR C 199 77.56 -36.38 -23.51
N VAL C 200 76.46 -35.66 -23.68
CA VAL C 200 75.17 -36.08 -23.16
C VAL C 200 74.17 -36.01 -24.30
N ARG C 201 73.63 -37.16 -24.69
CA ARG C 201 72.70 -37.21 -25.80
C ARG C 201 71.40 -37.92 -25.42
N MET C 202 70.28 -37.26 -25.70
CA MET C 202 68.97 -37.80 -25.35
C MET C 202 68.00 -37.59 -26.50
N GLY C 203 67.09 -38.53 -26.69
CA GLY C 203 66.19 -38.49 -27.81
C GLY C 203 64.88 -39.24 -27.63
N THR C 204 63.84 -38.73 -28.27
CA THR C 204 62.54 -39.40 -28.32
C THR C 204 62.10 -39.48 -29.77
N GLU C 205 60.83 -39.79 -29.99
CA GLU C 205 60.28 -39.80 -31.34
C GLU C 205 60.16 -38.40 -31.92
N SER C 206 60.21 -37.38 -31.05
CA SER C 206 60.00 -36.01 -31.49
C SER C 206 61.06 -35.03 -30.95
N MET C 207 61.96 -35.51 -30.11
CA MET C 207 62.98 -34.64 -29.54
C MET C 207 64.39 -35.20 -29.73
N ASN C 208 65.33 -34.32 -30.08
CA ASN C 208 66.75 -34.67 -30.08
C ASN C 208 67.51 -33.71 -29.16
N PHE C 209 68.43 -34.26 -28.38
CA PHE C 209 69.26 -33.44 -27.49
C PHE C 209 70.71 -33.90 -27.54
N ALA C 210 71.63 -32.93 -27.56
CA ALA C 210 73.05 -33.23 -27.57
C ALA C 210 73.83 -32.07 -26.98
N LYS C 211 74.60 -32.34 -25.93
CA LYS C 211 75.36 -31.30 -25.27
C LYS C 211 76.71 -31.83 -24.79
N SER C 212 77.73 -30.97 -24.83
CA SER C 212 79.04 -31.31 -24.30
C SER C 212 79.44 -30.29 -23.24
N PRO C 213 80.24 -30.73 -22.24
CA PRO C 213 80.67 -29.81 -21.19
C PRO C 213 81.48 -28.64 -21.72
N GLU C 214 81.27 -27.46 -21.14
CA GLU C 214 81.98 -26.26 -21.54
C GLU C 214 82.76 -25.73 -20.35
N ILE C 215 84.02 -26.15 -20.26
CA ILE C 215 84.84 -25.92 -19.08
C ILE C 215 85.39 -24.51 -19.00
N ALA C 216 85.06 -23.81 -17.92
CA ALA C 216 85.50 -22.43 -17.70
C ALA C 216 85.20 -21.99 -16.27
N ALA C 217 86.00 -21.07 -15.76
CA ALA C 217 85.82 -20.56 -14.40
C ALA C 217 84.88 -19.36 -14.41
N ARG C 218 83.70 -19.56 -13.84
CA ARG C 218 82.69 -18.51 -13.78
C ARG C 218 82.60 -17.99 -12.33
N PRO C 219 82.06 -16.77 -12.15
CA PRO C 219 81.99 -16.17 -10.80
C PRO C 219 81.33 -17.08 -9.77
N ALA C 220 81.83 -17.03 -8.54
CA ALA C 220 81.36 -17.92 -7.48
C ALA C 220 79.93 -17.61 -7.08
N VAL C 221 79.07 -18.63 -7.13
CA VAL C 221 77.69 -18.52 -6.70
C VAL C 221 77.39 -19.69 -5.78
N ASN C 222 76.98 -19.39 -4.55
CA ASN C 222 76.82 -20.39 -3.50
C ASN C 222 78.10 -21.21 -3.34
N GLY C 223 79.24 -20.52 -3.39
CA GLY C 223 80.53 -21.17 -3.24
C GLY C 223 80.90 -22.09 -4.39
N GLN C 224 80.38 -21.81 -5.57
CA GLN C 224 80.66 -22.65 -6.74
C GLN C 224 81.03 -21.82 -7.96
N ARG C 225 82.14 -22.16 -8.59
CA ARG C 225 82.56 -21.52 -9.83
C ARG C 225 82.21 -22.40 -11.03
N SER C 226 81.74 -23.61 -10.74
CA SER C 226 81.20 -24.50 -11.76
C SER C 226 79.72 -24.21 -11.98
N ARG C 227 79.15 -24.81 -13.02
CA ARG C 227 77.72 -24.63 -13.31
C ARG C 227 77.07 -25.93 -13.75
N ILE C 228 75.75 -25.96 -13.68
CA ILE C 228 74.96 -27.04 -14.26
C ILE C 228 73.93 -26.46 -15.21
N ASP C 229 73.87 -26.98 -16.42
CA ASP C 229 72.79 -26.64 -17.34
C ASP C 229 71.62 -27.59 -17.12
N TYR C 230 70.54 -27.06 -16.55
CA TYR C 230 69.36 -27.87 -16.31
C TYR C 230 68.44 -27.81 -17.52
N TYR C 231 67.80 -28.94 -17.83
CA TYR C 231 66.86 -28.99 -18.94
C TYR C 231 65.58 -29.69 -18.53
N TRP C 232 64.53 -29.48 -19.31
CA TRP C 232 63.26 -30.15 -19.08
C TRP C 232 62.62 -30.49 -20.41
N SER C 233 61.70 -31.46 -20.37
CA SER C 233 60.96 -31.85 -21.56
C SER C 233 59.70 -32.60 -21.16
N VAL C 234 58.86 -32.91 -22.13
CA VAL C 234 57.62 -33.60 -21.87
C VAL C 234 57.53 -34.84 -22.74
N LEU C 235 57.55 -36.01 -22.11
CA LEU C 235 57.44 -37.27 -22.83
C LEU C 235 55.98 -37.58 -23.07
N ARG C 236 55.56 -37.47 -24.33
CA ARG C 236 54.16 -37.68 -24.70
C ARG C 236 53.76 -39.13 -24.51
N PRO C 237 52.46 -39.38 -24.29
CA PRO C 237 51.95 -40.76 -24.19
C PRO C 237 52.31 -41.60 -25.42
N GLY C 238 52.96 -42.73 -25.19
CA GLY C 238 53.36 -43.61 -26.26
C GLY C 238 54.77 -43.37 -26.77
N GLU C 239 55.39 -42.29 -26.31
CA GLU C 239 56.76 -41.96 -26.71
C GLU C 239 57.77 -42.66 -25.80
N THR C 240 58.99 -42.82 -26.31
CA THR C 240 60.07 -43.45 -25.57
C THR C 240 61.27 -42.53 -25.48
N LEU C 241 61.89 -42.47 -24.30
CA LEU C 241 63.10 -41.68 -24.12
C LEU C 241 64.34 -42.56 -24.03
N ASN C 242 65.39 -42.19 -24.78
CA ASN C 242 66.67 -42.86 -24.68
C ASN C 242 67.74 -41.91 -24.15
N VAL C 243 68.40 -42.31 -23.08
CA VAL C 243 69.49 -41.51 -22.50
C VAL C 243 70.82 -42.18 -22.78
N GLU C 244 71.78 -41.41 -23.27
CA GLU C 244 73.11 -41.92 -23.55
C GLU C 244 74.18 -40.88 -23.24
N SER C 245 75.16 -41.24 -22.42
CA SER C 245 76.22 -40.33 -22.05
C SER C 245 77.49 -41.07 -21.63
N ASN C 246 78.62 -40.37 -21.71
CA ASN C 246 79.88 -40.91 -21.24
C ASN C 246 80.50 -39.97 -20.21
N GLY C 247 79.67 -39.09 -19.63
CA GLY C 247 80.12 -38.18 -18.60
C GLY C 247 79.34 -36.89 -18.50
N ASN C 248 79.51 -36.19 -17.38
CA ASN C 248 78.89 -34.88 -17.14
C ASN C 248 77.36 -34.93 -17.15
N LEU C 249 76.80 -36.11 -16.89
CA LEU C 249 75.34 -36.26 -16.91
C LEU C 249 74.72 -36.14 -15.52
N ILE C 250 73.85 -35.15 -15.36
CA ILE C 250 72.95 -35.12 -14.22
C ILE C 250 71.68 -35.83 -14.68
N ALA C 251 71.54 -37.09 -14.29
CA ALA C 251 70.53 -37.96 -14.86
C ALA C 251 69.15 -37.72 -14.29
N PRO C 252 68.11 -37.94 -15.10
CA PRO C 252 66.73 -37.95 -14.60
C PRO C 252 66.51 -39.13 -13.66
N TRP C 253 65.89 -38.88 -12.50
CA TRP C 253 65.67 -39.92 -11.51
C TRP C 253 64.17 -40.07 -11.28
N TYR C 254 63.56 -39.05 -10.69
CA TYR C 254 62.11 -38.99 -10.54
C TYR C 254 61.51 -38.00 -11.54
N ALA C 255 60.29 -38.27 -11.98
CA ALA C 255 59.59 -37.39 -12.91
C ALA C 255 58.14 -37.20 -12.48
N TYR C 256 57.35 -36.55 -13.33
CA TYR C 256 55.96 -36.27 -12.99
C TYR C 256 55.01 -36.64 -14.13
N LYS C 257 54.03 -37.48 -13.83
CA LYS C 257 52.89 -37.66 -14.72
C LYS C 257 52.04 -36.41 -14.60
N PHE C 258 51.76 -35.77 -15.73
CA PHE C 258 51.21 -34.42 -15.73
C PHE C 258 49.76 -34.39 -16.21
N VAL C 259 48.89 -33.79 -15.40
CA VAL C 259 47.48 -33.66 -15.75
C VAL C 259 47.17 -32.22 -16.13
N SER C 260 46.93 -31.99 -17.41
CA SER C 260 46.62 -30.67 -17.91
C SER C 260 45.18 -30.28 -17.58
N THR C 261 45.00 -29.09 -17.04
CA THR C 261 43.66 -28.63 -16.68
C THR C 261 42.87 -28.21 -17.91
N ASN C 262 41.57 -28.52 -17.91
CA ASN C 262 40.68 -28.08 -18.97
C ASN C 262 40.42 -26.58 -18.84
N LYS C 263 40.43 -26.10 -17.60
CA LYS C 263 40.13 -24.70 -17.32
C LYS C 263 41.31 -23.78 -17.59
N LYS C 264 41.24 -22.59 -17.02
CA LYS C 264 42.31 -21.60 -17.10
C LYS C 264 43.33 -21.83 -15.99
N GLY C 265 44.61 -21.59 -16.30
CA GLY C 265 45.66 -21.79 -15.32
C GLY C 265 46.19 -20.49 -14.74
N ALA C 266 46.59 -20.52 -13.48
CA ALA C 266 47.08 -19.32 -12.81
C ALA C 266 48.24 -19.61 -11.87
N VAL C 267 49.19 -18.67 -11.83
CA VAL C 267 50.27 -18.68 -10.86
C VAL C 267 50.36 -17.29 -10.23
N PHE C 268 49.97 -17.19 -8.97
CA PHE C 268 49.96 -15.91 -8.28
C PHE C 268 51.21 -15.71 -7.44
N LYS C 269 51.95 -14.64 -7.72
CA LYS C 269 53.10 -14.27 -6.92
C LYS C 269 52.66 -13.26 -5.88
N SER C 270 52.51 -13.72 -4.64
CA SER C 270 51.87 -12.90 -3.61
C SER C 270 52.24 -13.32 -2.18
N ASP C 271 52.09 -12.40 -1.25
CA ASP C 271 52.33 -12.68 0.17
C ASP C 271 51.04 -12.92 0.95
N LEU C 272 49.91 -12.85 0.25
CA LEU C 272 48.60 -12.97 0.88
C LEU C 272 48.39 -14.37 1.49
N PRO C 273 47.68 -14.44 2.62
CA PRO C 273 47.44 -15.70 3.33
C PRO C 273 46.38 -16.58 2.69
N ILE C 274 46.66 -17.89 2.61
CA ILE C 274 45.67 -18.87 2.18
C ILE C 274 44.87 -19.33 3.39
N GLU C 275 43.58 -19.05 3.40
CA GLU C 275 42.74 -19.42 4.53
C GLU C 275 41.76 -20.54 4.18
N ASN C 276 40.98 -20.95 5.18
CA ASN C 276 40.03 -22.03 5.00
C ASN C 276 38.70 -21.49 4.51
N CYS C 277 38.65 -21.11 3.24
CA CYS C 277 37.49 -20.45 2.68
C CYS C 277 37.21 -20.91 1.25
N ASP C 278 35.98 -20.66 0.80
CA ASP C 278 35.59 -20.95 -0.58
C ASP C 278 35.41 -19.64 -1.35
N ALA C 279 35.53 -19.72 -2.67
CA ALA C 279 35.33 -18.57 -3.54
C ALA C 279 35.03 -19.01 -4.96
N THR C 280 34.42 -18.13 -5.73
CA THR C 280 34.16 -18.40 -7.13
C THR C 280 35.08 -17.56 -8.00
N CYS C 281 35.55 -16.45 -7.43
CA CYS C 281 36.47 -15.55 -8.13
C CYS C 281 37.69 -15.25 -7.27
N GLN C 282 38.86 -15.68 -7.73
CA GLN C 282 40.09 -15.41 -7.00
C GLN C 282 41.05 -14.51 -7.80
N THR C 283 41.10 -13.26 -7.40
CA THR C 283 42.08 -12.27 -7.87
C THR C 283 43.44 -12.44 -7.18
N ILE C 284 44.52 -12.06 -7.87
CA ILE C 284 45.87 -12.12 -7.32
C ILE C 284 46.01 -11.25 -6.06
N THR C 285 45.15 -10.25 -5.92
CA THR C 285 45.19 -9.37 -4.75
C THR C 285 44.03 -9.60 -3.79
N GLY C 286 43.26 -10.67 -4.01
CA GLY C 286 42.17 -10.99 -3.10
C GLY C 286 40.94 -11.64 -3.70
N VAL C 287 39.99 -11.99 -2.85
CA VAL C 287 38.76 -12.65 -3.30
C VAL C 287 37.70 -11.61 -3.64
N LEU C 288 37.01 -11.81 -4.76
CA LEU C 288 35.83 -11.01 -5.07
C LEU C 288 34.57 -11.82 -4.82
N ARG C 289 33.76 -11.35 -3.88
CA ARG C 289 32.45 -11.95 -3.60
C ARG C 289 31.36 -10.97 -4.01
N THR C 290 30.91 -11.06 -5.25
CA THR C 290 30.02 -10.06 -5.81
C THR C 290 29.21 -10.58 -7.01
N ASN C 291 28.12 -9.88 -7.33
CA ASN C 291 27.34 -10.18 -8.52
C ASN C 291 27.45 -9.03 -9.52
N LYS C 292 28.34 -8.09 -9.24
CA LYS C 292 28.50 -6.92 -10.09
C LYS C 292 29.20 -7.25 -11.39
N THR C 293 29.03 -6.39 -12.38
CA THR C 293 29.47 -6.66 -13.74
C THR C 293 30.94 -6.30 -13.96
N PHE C 294 31.40 -5.27 -13.25
CA PHE C 294 32.78 -4.80 -13.39
C PHE C 294 33.52 -4.84 -12.07
N GLN C 295 34.84 -4.78 -12.15
CA GLN C 295 35.70 -4.66 -10.97
C GLN C 295 36.99 -3.94 -11.32
N ASN C 296 37.51 -3.17 -10.37
CA ASN C 296 38.77 -2.45 -10.59
C ASN C 296 39.86 -2.95 -9.66
N VAL C 297 39.78 -4.22 -9.29
CA VAL C 297 40.73 -4.81 -8.35
C VAL C 297 41.98 -5.27 -9.08
N SER C 298 41.83 -6.17 -10.04
CA SER C 298 42.96 -6.67 -10.83
C SER C 298 42.53 -7.42 -12.09
N PRO C 299 43.33 -7.30 -13.16
CA PRO C 299 43.14 -8.05 -14.41
C PRO C 299 43.62 -9.49 -14.30
N LEU C 300 44.32 -9.82 -13.23
CA LEU C 300 44.85 -11.17 -13.03
C LEU C 300 43.98 -11.93 -12.03
N TRP C 301 43.35 -13.00 -12.50
CA TRP C 301 42.45 -13.78 -11.64
C TRP C 301 42.17 -15.16 -12.20
N ILE C 302 41.58 -16.02 -11.37
CA ILE C 302 41.11 -17.32 -11.81
C ILE C 302 39.69 -17.50 -11.29
N GLY C 303 38.89 -18.28 -12.03
CA GLY C 303 37.49 -18.46 -11.69
C GLY C 303 36.60 -17.52 -12.49
N GLU C 304 35.34 -17.41 -12.07
CA GLU C 304 34.39 -16.55 -12.76
C GLU C 304 34.38 -15.16 -12.13
N CYS C 305 35.08 -14.23 -12.76
CA CYS C 305 35.24 -12.89 -12.21
C CYS C 305 34.58 -11.82 -13.07
N PRO C 306 34.24 -10.66 -12.47
CA PRO C 306 33.72 -9.53 -13.25
C PRO C 306 34.79 -8.94 -14.16
N LYS C 307 34.36 -8.21 -15.19
CA LYS C 307 35.27 -7.57 -16.13
C LYS C 307 36.13 -6.50 -15.43
N TYR C 308 37.42 -6.51 -15.71
CA TYR C 308 38.32 -5.53 -15.12
C TYR C 308 38.38 -4.23 -15.93
N VAL C 309 38.18 -3.11 -15.25
CA VAL C 309 38.31 -1.79 -15.84
C VAL C 309 39.04 -0.86 -14.87
N LYS C 310 39.46 0.31 -15.36
CA LYS C 310 40.17 1.28 -14.54
C LYS C 310 39.22 2.19 -13.76
N SER C 311 37.94 2.13 -14.08
CA SER C 311 36.95 3.04 -13.51
C SER C 311 36.85 2.94 -11.99
N GLU C 312 36.57 4.07 -11.36
CA GLU C 312 36.32 4.11 -9.92
C GLU C 312 34.88 3.72 -9.62
N SER C 313 33.99 4.06 -10.54
CA SER C 313 32.56 3.83 -10.36
C SER C 313 31.84 3.75 -11.71
N LEU C 314 30.90 2.82 -11.81
CA LEU C 314 30.06 2.72 -13.00
C LEU C 314 28.60 2.61 -12.58
N ARG C 315 28.01 3.75 -12.23
CA ARG C 315 26.65 3.75 -11.69
C ARG C 315 25.62 4.12 -12.76
N LEU C 316 24.72 3.18 -13.01
CA LEU C 316 23.62 3.40 -13.95
C LEU C 316 22.40 3.98 -13.26
N ALA C 317 21.87 5.07 -13.80
CA ALA C 317 20.58 5.56 -13.36
C ALA C 317 19.50 4.56 -13.76
N THR C 318 18.56 4.30 -12.86
CA THR C 318 17.41 3.47 -13.17
C THR C 318 16.16 4.28 -12.92
N GLY C 319 16.19 5.06 -11.83
CA GLY C 319 15.10 5.96 -11.52
C GLY C 319 15.28 7.29 -12.22
N LEU C 320 14.54 8.30 -11.76
CA LEU C 320 14.56 9.60 -12.43
C LEU C 320 15.26 10.65 -11.60
N ARG C 321 15.39 11.84 -12.17
CA ARG C 321 16.01 12.98 -11.49
C ARG C 321 15.27 13.28 -10.19
N ASN C 322 15.99 13.23 -9.08
CA ASN C 322 15.38 13.40 -7.76
C ASN C 322 15.19 14.88 -7.45
N VAL C 323 13.94 15.32 -7.41
CA VAL C 323 13.64 16.72 -7.14
C VAL C 323 12.62 16.87 -6.01
N PRO C 324 13.06 16.61 -4.76
CA PRO C 324 12.16 16.79 -3.61
C PRO C 324 11.90 18.28 -3.39
N GLN C 325 10.71 18.64 -2.94
CA GLN C 325 10.35 20.05 -2.83
C GLN C 325 10.30 20.60 -1.41
N ILE C 326 10.12 19.72 -0.44
CA ILE C 326 10.15 20.08 0.98
C ILE C 326 9.16 21.21 1.29
N GLY D 1 14.97 19.90 -19.03
CA GLY D 1 14.80 18.59 -19.62
C GLY D 1 14.39 18.62 -21.09
N ILE D 2 14.71 17.55 -21.79
CA ILE D 2 14.44 17.44 -23.22
C ILE D 2 12.94 17.45 -23.51
N PHE D 3 12.15 16.86 -22.62
CA PHE D 3 10.70 16.81 -22.82
C PHE D 3 9.98 17.83 -21.94
N GLY D 4 10.75 18.56 -21.14
CA GLY D 4 10.24 19.73 -20.45
C GLY D 4 9.34 19.51 -19.24
N ALA D 5 9.16 18.26 -18.84
CA ALA D 5 8.25 17.96 -17.73
C ALA D 5 8.99 17.91 -16.40
N ILE D 6 9.87 16.92 -16.24
CA ILE D 6 10.62 16.76 -14.99
C ILE D 6 11.56 17.94 -14.79
N ALA D 7 11.49 18.56 -13.62
CA ALA D 7 12.19 19.81 -13.34
C ALA D 7 11.91 20.84 -14.42
N GLY D 8 10.68 20.83 -14.92
CA GLY D 8 10.26 21.73 -15.98
C GLY D 8 8.98 22.46 -15.61
N PHE D 9 7.91 22.24 -16.37
CA PHE D 9 6.65 22.90 -16.06
C PHE D 9 6.01 22.23 -14.85
N ILE D 10 6.52 21.04 -14.50
CA ILE D 10 6.24 20.44 -13.20
C ILE D 10 7.55 20.54 -12.42
N GLU D 11 7.66 21.59 -11.62
CA GLU D 11 8.94 22.01 -11.02
C GLU D 11 9.63 20.95 -10.17
N GLY D 12 8.85 20.17 -9.44
CA GLY D 12 9.43 19.20 -8.51
C GLY D 12 8.70 17.88 -8.40
N GLY D 13 9.31 16.94 -7.70
CA GLY D 13 8.73 15.63 -7.48
C GLY D 13 7.91 15.53 -6.21
N TRP D 14 7.25 14.39 -6.03
CA TRP D 14 6.41 14.16 -4.86
C TRP D 14 7.00 13.10 -3.94
N THR D 15 7.53 13.52 -2.80
CA THR D 15 7.99 12.57 -1.79
C THR D 15 6.80 11.83 -1.20
N GLY D 16 5.60 12.41 -1.35
CA GLY D 16 4.39 11.80 -0.86
C GLY D 16 3.90 10.62 -1.68
N MET D 17 4.34 10.53 -2.93
CA MET D 17 3.98 9.41 -3.78
C MET D 17 5.09 8.37 -3.79
N ILE D 18 4.92 7.32 -3.00
CA ILE D 18 6.00 6.39 -2.71
C ILE D 18 5.89 5.06 -3.47
N ASP D 19 4.77 4.83 -4.13
CA ASP D 19 4.51 3.52 -4.72
C ASP D 19 4.68 3.48 -6.24
N GLY D 20 5.20 4.56 -6.82
CA GLY D 20 5.43 4.60 -8.25
C GLY D 20 6.29 5.74 -8.75
N TRP D 21 6.80 5.61 -9.97
CA TRP D 21 7.62 6.66 -10.59
C TRP D 21 6.76 7.80 -11.12
N TYR D 22 5.56 7.48 -11.59
CA TYR D 22 4.70 8.43 -12.29
C TYR D 22 3.31 8.32 -11.67
N GLY D 23 2.67 9.44 -11.38
CA GLY D 23 1.31 9.35 -10.90
C GLY D 23 0.46 10.61 -10.81
N TYR D 24 -0.48 10.56 -9.87
CA TYR D 24 -1.48 11.60 -9.73
C TYR D 24 -1.61 12.09 -8.30
N HIS D 25 -2.03 13.34 -8.15
CA HIS D 25 -2.50 13.86 -6.88
C HIS D 25 -3.85 14.51 -7.10
N HIS D 26 -4.88 14.00 -6.43
CA HIS D 26 -6.23 14.51 -6.62
C HIS D 26 -6.72 15.24 -5.38
N GLU D 27 -7.67 16.16 -5.58
CA GLU D 27 -8.33 16.84 -4.49
C GLU D 27 -9.82 16.94 -4.77
N ASN D 28 -10.64 16.39 -3.87
CA ASN D 28 -12.08 16.57 -3.99
C ASN D 28 -12.74 16.59 -2.61
N SER D 29 -14.06 16.45 -2.58
CA SER D 29 -14.80 16.53 -1.33
C SER D 29 -14.40 15.43 -0.34
N GLN D 30 -13.95 14.30 -0.87
CA GLN D 30 -13.52 13.19 -0.04
C GLN D 30 -12.08 13.37 0.43
N GLY D 31 -11.47 14.49 0.08
CA GLY D 31 -10.12 14.79 0.50
C GLY D 31 -9.10 14.71 -0.62
N SER D 32 -7.85 14.43 -0.24
CA SER D 32 -6.75 14.42 -1.20
C SER D 32 -5.81 13.25 -0.97
N GLY D 33 -5.12 12.83 -2.03
CA GLY D 33 -4.16 11.74 -1.92
C GLY D 33 -3.29 11.55 -3.14
N TYR D 34 -2.23 10.76 -2.98
CA TYR D 34 -1.35 10.40 -4.09
C TYR D 34 -1.70 9.03 -4.63
N ALA D 35 -1.60 8.86 -5.94
CA ALA D 35 -1.79 7.56 -6.55
C ALA D 35 -0.84 7.39 -7.73
N ALA D 36 -0.07 6.30 -7.72
CA ALA D 36 0.81 5.99 -8.82
C ALA D 36 0.03 5.50 -10.02
N ASP D 37 0.42 5.93 -11.21
CA ASP D 37 -0.10 5.34 -12.43
C ASP D 37 0.60 4.01 -12.63
N ARG D 38 -0.12 2.92 -12.38
CA ARG D 38 0.47 1.59 -12.35
C ARG D 38 0.98 1.15 -13.71
N GLU D 39 0.24 1.48 -14.77
CA GLU D 39 0.57 1.07 -16.12
C GLU D 39 1.89 1.66 -16.63
N SER D 40 2.01 2.99 -16.53
CA SER D 40 3.18 3.67 -17.05
C SER D 40 4.42 3.39 -16.21
N THR D 41 4.22 3.24 -14.90
CA THR D 41 5.32 2.92 -14.00
C THR D 41 5.88 1.53 -14.28
N GLN D 42 4.98 0.55 -14.43
CA GLN D 42 5.38 -0.83 -14.67
C GLN D 42 6.06 -0.97 -16.03
N LYS D 43 5.51 -0.27 -17.02
CA LYS D 43 6.08 -0.26 -18.36
C LYS D 43 7.52 0.27 -18.33
N ALA D 44 7.73 1.32 -17.53
CA ALA D 44 9.06 1.91 -17.38
C ALA D 44 10.00 0.98 -16.61
N ILE D 45 9.48 0.34 -15.57
CA ILE D 45 10.26 -0.60 -14.79
C ILE D 45 10.76 -1.74 -15.67
N ASP D 46 9.89 -2.25 -16.54
CA ASP D 46 10.24 -3.36 -17.41
C ASP D 46 11.30 -2.96 -18.43
N GLY D 47 11.14 -1.75 -18.99
CA GLY D 47 12.09 -1.24 -19.96
C GLY D 47 13.47 -0.99 -19.38
N ILE D 48 13.51 -0.27 -18.26
CA ILE D 48 14.76 0.04 -17.59
C ILE D 48 15.46 -1.23 -17.11
N THR D 49 14.68 -2.17 -16.60
CA THR D 49 15.21 -3.46 -16.17
C THR D 49 15.82 -4.21 -17.35
N ASN D 50 15.13 -4.14 -18.48
CA ASN D 50 15.61 -4.76 -19.71
C ASN D 50 16.92 -4.12 -20.16
N LYS D 51 17.01 -2.81 -20.01
CA LYS D 51 18.23 -2.07 -20.39
C LYS D 51 19.41 -2.49 -19.53
N VAL D 52 19.22 -2.52 -18.22
CA VAL D 52 20.28 -2.91 -17.29
C VAL D 52 20.73 -4.34 -17.58
N ASN D 53 19.77 -5.25 -17.73
CA ASN D 53 20.09 -6.65 -18.01
C ASN D 53 20.79 -6.80 -19.37
N SER D 54 20.39 -6.00 -20.34
CA SER D 54 21.01 -6.04 -21.66
C SER D 54 22.47 -5.57 -21.60
N ILE D 55 22.70 -4.49 -20.88
CA ILE D 55 24.04 -3.95 -20.70
C ILE D 55 24.91 -4.99 -19.99
N ILE D 56 24.36 -5.61 -18.96
CA ILE D 56 25.06 -6.64 -18.19
C ILE D 56 25.40 -7.82 -19.09
N ASN D 57 24.44 -8.24 -19.91
CA ASN D 57 24.65 -9.37 -20.82
C ASN D 57 25.74 -9.11 -21.86
N LYS D 58 25.76 -7.89 -22.41
CA LYS D 58 26.76 -7.56 -23.43
C LYS D 58 28.16 -7.43 -22.82
N MET D 59 28.20 -7.12 -21.53
CA MET D 59 29.47 -6.96 -20.82
C MET D 59 29.95 -8.24 -20.16
N ASN D 60 29.33 -9.38 -20.49
CA ASN D 60 29.58 -10.61 -19.73
C ASN D 60 30.69 -11.47 -20.31
N THR D 61 31.61 -10.85 -21.05
CA THR D 61 32.84 -11.54 -21.45
C THR D 61 34.01 -10.83 -20.79
N GLN D 62 35.12 -11.54 -20.62
CA GLN D 62 36.29 -10.94 -19.99
C GLN D 62 37.56 -11.17 -20.78
N PHE D 63 38.32 -10.10 -21.00
CA PHE D 63 39.69 -10.25 -21.45
C PHE D 63 40.50 -10.70 -20.25
N GLU D 64 41.39 -11.67 -20.45
CA GLU D 64 42.15 -12.23 -19.36
C GLU D 64 43.65 -12.02 -19.54
N ALA D 65 44.24 -11.22 -18.66
CA ALA D 65 45.69 -11.06 -18.64
C ALA D 65 46.31 -12.33 -18.05
N VAL D 66 47.52 -12.66 -18.48
CA VAL D 66 48.19 -13.87 -18.01
C VAL D 66 49.43 -13.54 -17.20
N ASP D 67 49.85 -14.48 -16.37
CA ASP D 67 51.01 -14.30 -15.50
C ASP D 67 52.32 -14.72 -16.16
N HIS D 68 52.32 -14.84 -17.49
CA HIS D 68 53.49 -15.33 -18.21
C HIS D 68 54.68 -14.40 -18.06
N GLU D 69 55.86 -14.99 -17.93
CA GLU D 69 57.09 -14.23 -17.77
C GLU D 69 57.89 -14.21 -19.07
N PHE D 70 58.77 -13.22 -19.20
CA PHE D 70 59.62 -13.10 -20.37
C PHE D 70 61.04 -12.78 -19.95
N SER D 71 62.01 -13.44 -20.57
CA SER D 71 63.41 -13.27 -20.21
C SER D 71 63.96 -11.92 -20.66
N ASN D 72 65.23 -11.67 -20.38
CA ASN D 72 65.88 -10.42 -20.76
C ASN D 72 66.02 -10.29 -22.27
N LEU D 73 65.98 -11.41 -22.97
CA LEU D 73 66.09 -11.40 -24.42
C LEU D 73 64.72 -11.55 -25.07
N GLU D 74 63.67 -11.24 -24.30
CA GLU D 74 62.31 -11.30 -24.80
C GLU D 74 61.58 -10.00 -24.49
N ARG D 75 62.30 -8.89 -24.58
CA ARG D 75 61.76 -7.58 -24.31
C ARG D 75 60.67 -7.20 -25.31
N ARG D 76 60.81 -7.67 -26.55
CA ARG D 76 59.88 -7.29 -27.60
C ARG D 76 58.53 -7.98 -27.44
N ILE D 77 58.53 -9.31 -27.30
CA ILE D 77 57.27 -10.03 -27.11
C ILE D 77 56.70 -9.73 -25.73
N GLY D 78 57.59 -9.42 -24.78
CA GLY D 78 57.16 -9.01 -23.45
C GLY D 78 56.40 -7.70 -23.49
N ASN D 79 56.91 -6.75 -24.25
CA ASN D 79 56.28 -5.44 -24.39
C ASN D 79 55.04 -5.55 -25.28
N LEU D 80 55.05 -6.53 -26.19
CA LEU D 80 53.91 -6.79 -27.03
C LEU D 80 52.71 -7.22 -26.19
N ASN D 81 52.97 -8.14 -25.25
CA ASN D 81 51.91 -8.63 -24.37
C ASN D 81 51.35 -7.53 -23.49
N LYS D 82 52.23 -6.68 -22.97
CA LYS D 82 51.82 -5.58 -22.11
C LYS D 82 50.95 -4.58 -22.86
N ARG D 83 51.38 -4.20 -24.05
CA ARG D 83 50.62 -3.25 -24.87
C ARG D 83 49.28 -3.83 -25.31
N MET D 84 49.27 -5.12 -25.59
CA MET D 84 48.05 -5.81 -25.99
C MET D 84 47.04 -5.79 -24.84
N GLU D 85 47.50 -6.21 -23.65
CA GLU D 85 46.64 -6.26 -22.47
C GLU D 85 46.15 -4.88 -22.03
N ASP D 86 47.06 -3.89 -22.03
CA ASP D 86 46.68 -2.52 -21.72
C ASP D 86 45.73 -1.96 -22.77
N GLY D 87 45.93 -2.37 -24.02
CA GLY D 87 45.07 -1.95 -25.11
C GLY D 87 43.62 -2.31 -24.90
N PHE D 88 43.37 -3.56 -24.54
CA PHE D 88 42.01 -4.02 -24.31
C PHE D 88 41.41 -3.41 -23.04
N LEU D 89 42.26 -3.22 -22.04
CA LEU D 89 41.87 -2.53 -20.82
C LEU D 89 41.32 -1.14 -21.12
N ASP D 90 42.03 -0.40 -21.96
CA ASP D 90 41.61 0.96 -22.32
C ASP D 90 40.32 0.94 -23.15
N VAL D 91 40.21 -0.03 -24.05
CA VAL D 91 39.02 -0.18 -24.88
C VAL D 91 37.77 -0.43 -24.02
N TRP D 92 37.87 -1.39 -23.11
CA TRP D 92 36.73 -1.77 -22.29
C TRP D 92 36.40 -0.71 -21.24
N THR D 93 37.42 -0.05 -20.72
CA THR D 93 37.21 1.06 -19.80
C THR D 93 36.45 2.16 -20.52
N TYR D 94 36.87 2.46 -21.75
CA TYR D 94 36.17 3.41 -22.59
C TYR D 94 34.72 2.99 -22.82
N ASN D 95 34.53 1.75 -23.26
CA ASN D 95 33.20 1.23 -23.58
C ASN D 95 32.25 1.35 -22.40
N ALA D 96 32.72 0.96 -21.22
CA ALA D 96 31.88 0.98 -20.02
C ALA D 96 31.54 2.41 -19.60
N GLU D 97 32.55 3.28 -19.53
CA GLU D 97 32.34 4.64 -19.04
C GLU D 97 31.51 5.48 -20.01
N LEU D 98 31.72 5.27 -21.30
CA LEU D 98 30.99 6.02 -22.32
C LEU D 98 29.53 5.56 -22.36
N LEU D 99 29.32 4.25 -22.31
CA LEU D 99 27.98 3.68 -22.33
C LEU D 99 27.14 4.18 -21.15
N VAL D 100 27.75 4.21 -19.96
CA VAL D 100 27.07 4.64 -18.76
C VAL D 100 26.61 6.10 -18.87
N LEU D 101 27.50 6.96 -19.34
CA LEU D 101 27.17 8.38 -19.51
C LEU D 101 26.06 8.57 -20.52
N LEU D 102 26.14 7.83 -21.61
CA LEU D 102 25.14 7.91 -22.67
C LEU D 102 23.79 7.41 -22.20
N GLU D 103 23.77 6.24 -21.57
CA GLU D 103 22.52 5.63 -21.13
C GLU D 103 21.89 6.38 -19.97
N ASN D 104 22.70 6.96 -19.10
CA ASN D 104 22.18 7.77 -18.01
C ASN D 104 21.40 8.97 -18.55
N GLU D 105 21.96 9.61 -19.58
CA GLU D 105 21.29 10.73 -20.22
C GLU D 105 19.95 10.32 -20.83
N ARG D 106 19.94 9.16 -21.48
CA ARG D 106 18.75 8.70 -22.18
C ARG D 106 17.70 8.15 -21.22
N THR D 107 18.15 7.52 -20.14
CA THR D 107 17.25 7.02 -19.11
C THR D 107 16.45 8.15 -18.48
N LEU D 108 17.14 9.23 -18.14
CA LEU D 108 16.50 10.39 -17.53
C LEU D 108 15.51 11.05 -18.50
N ASP D 109 15.87 11.06 -19.78
CA ASP D 109 14.98 11.60 -20.80
C ASP D 109 13.72 10.74 -20.95
N LEU D 110 13.90 9.42 -20.84
CA LEU D 110 12.79 8.48 -20.89
C LEU D 110 11.74 8.79 -19.81
N HIS D 111 12.21 8.97 -18.58
CA HIS D 111 11.33 9.32 -17.46
C HIS D 111 10.64 10.65 -17.72
N ASP D 112 11.39 11.60 -18.24
CA ASP D 112 10.87 12.93 -18.58
C ASP D 112 9.73 12.80 -19.60
N ALA D 113 9.92 11.96 -20.61
CA ALA D 113 8.92 11.77 -21.66
C ALA D 113 7.67 11.09 -21.10
N ASN D 114 7.88 10.10 -20.24
CA ASN D 114 6.75 9.36 -19.66
C ASN D 114 5.85 10.25 -18.82
N VAL D 115 6.45 11.22 -18.13
CA VAL D 115 5.70 12.19 -17.34
C VAL D 115 4.92 13.10 -18.28
N LYS D 116 5.62 13.61 -19.29
CA LYS D 116 5.01 14.44 -20.33
C LYS D 116 3.82 13.75 -20.97
N ASN D 117 3.99 12.50 -21.35
CA ASN D 117 2.93 11.76 -22.03
C ASN D 117 1.75 11.46 -21.09
N LEU D 118 2.05 11.26 -19.82
CA LEU D 118 1.00 11.05 -18.83
C LEU D 118 0.16 12.32 -18.67
N TYR D 119 0.85 13.46 -18.61
CA TYR D 119 0.18 14.76 -18.57
C TYR D 119 -0.71 14.97 -19.79
N GLU D 120 -0.18 14.67 -20.97
CA GLU D 120 -0.91 14.83 -22.22
C GLU D 120 -2.15 13.94 -22.24
N LYS D 121 -2.01 12.75 -21.68
CA LYS D 121 -3.06 11.75 -21.69
C LYS D 121 -4.27 12.20 -20.87
N VAL D 122 -4.02 12.96 -19.82
CA VAL D 122 -5.09 13.48 -18.97
C VAL D 122 -5.71 14.71 -19.61
N LYS D 123 -4.86 15.60 -20.10
CA LYS D 123 -5.29 16.81 -20.82
C LYS D 123 -6.23 16.46 -21.96
N SER D 124 -5.93 15.37 -22.67
CA SER D 124 -6.72 14.92 -23.81
C SER D 124 -8.13 14.51 -23.41
N GLN D 125 -8.27 13.82 -22.28
CA GLN D 125 -9.58 13.39 -21.80
C GLN D 125 -10.42 14.54 -21.28
N LEU D 126 -9.80 15.44 -20.53
CA LEU D 126 -10.54 16.47 -19.80
C LEU D 126 -11.07 17.57 -20.72
N ARG D 127 -10.26 17.94 -21.72
CA ARG D 127 -10.62 19.00 -22.66
C ARG D 127 -10.94 20.29 -21.92
N ASP D 128 -12.07 20.91 -22.25
CA ASP D 128 -12.44 22.18 -21.63
C ASP D 128 -13.31 22.00 -20.39
N ASN D 129 -13.53 20.75 -19.99
CA ASN D 129 -14.22 20.46 -18.73
C ASN D 129 -13.33 20.72 -17.53
N ALA D 130 -12.08 21.08 -17.78
CA ALA D 130 -11.15 21.42 -16.71
C ALA D 130 -10.25 22.57 -17.11
N ASN D 131 -9.62 23.20 -16.13
CA ASN D 131 -8.71 24.33 -16.38
C ASN D 131 -7.27 23.93 -16.12
N ASP D 132 -6.43 24.06 -17.15
CA ASP D 132 -5.01 23.72 -17.05
C ASP D 132 -4.24 24.84 -16.36
N LEU D 133 -3.72 24.57 -15.18
CA LEU D 133 -3.01 25.59 -14.40
C LEU D 133 -1.58 25.82 -14.88
N GLY D 134 -1.10 24.98 -15.79
CA GLY D 134 0.23 25.13 -16.33
C GLY D 134 1.34 24.47 -15.52
N ASN D 135 0.96 23.79 -14.44
CA ASN D 135 1.93 23.13 -13.58
C ASN D 135 1.64 21.63 -13.46
N GLY D 136 0.90 21.10 -14.42
CA GLY D 136 0.49 19.71 -14.40
C GLY D 136 -0.79 19.46 -13.62
N CYS D 137 -1.38 20.54 -13.12
CA CYS D 137 -2.62 20.42 -12.35
C CYS D 137 -3.82 20.92 -13.15
N PHE D 138 -4.94 20.21 -13.02
CA PHE D 138 -6.18 20.58 -13.69
C PHE D 138 -7.29 20.86 -12.68
N GLU D 139 -7.92 22.03 -12.79
CA GLU D 139 -9.07 22.35 -11.96
C GLU D 139 -10.36 22.08 -12.71
N PHE D 140 -11.15 21.14 -12.21
CA PHE D 140 -12.41 20.76 -12.85
C PHE D 140 -13.45 21.88 -12.80
N TRP D 141 -14.22 22.02 -13.88
CA TRP D 141 -15.34 22.94 -13.90
C TRP D 141 -16.59 22.24 -13.39
N HIS D 142 -16.41 21.04 -12.84
CA HIS D 142 -17.51 20.23 -12.34
C HIS D 142 -17.06 19.42 -11.13
N LYS D 143 -18.03 18.85 -10.41
CA LYS D 143 -17.71 18.01 -9.26
C LYS D 143 -17.21 16.64 -9.73
N CYS D 144 -16.02 16.28 -9.29
CA CYS D 144 -15.39 15.04 -9.70
C CYS D 144 -15.11 14.16 -8.49
N ASP D 145 -15.99 13.19 -8.24
CA ASP D 145 -15.84 12.31 -7.08
C ASP D 145 -14.76 11.26 -7.30
N ASN D 146 -14.66 10.31 -6.37
CA ASN D 146 -13.62 9.29 -6.41
C ASN D 146 -13.65 8.44 -7.68
N GLU D 147 -14.85 8.14 -8.18
CA GLU D 147 -14.97 7.30 -9.37
C GLU D 147 -14.73 8.13 -10.62
N CYS D 148 -15.05 9.42 -10.56
CA CYS D 148 -14.71 10.34 -11.64
C CYS D 148 -13.20 10.46 -11.74
N MET D 149 -12.55 10.66 -10.60
CA MET D 149 -11.09 10.72 -10.51
C MET D 149 -10.45 9.45 -11.07
N GLU D 150 -10.96 8.30 -10.65
CA GLU D 150 -10.41 7.01 -11.07
C GLU D 150 -10.59 6.79 -12.57
N SER D 151 -11.66 7.35 -13.13
CA SER D 151 -11.94 7.21 -14.55
C SER D 151 -10.92 8.02 -15.36
N VAL D 152 -10.47 9.13 -14.79
CA VAL D 152 -9.41 9.94 -15.39
C VAL D 152 -8.11 9.15 -15.39
N LYS D 153 -7.82 8.51 -14.25
CA LYS D 153 -6.55 7.81 -14.07
C LYS D 153 -6.44 6.55 -14.93
N ASN D 154 -7.56 5.92 -15.22
CA ASN D 154 -7.52 4.68 -16.00
C ASN D 154 -7.99 4.89 -17.44
N GLY D 155 -8.15 6.16 -17.82
CA GLY D 155 -8.39 6.52 -19.21
C GLY D 155 -9.81 6.41 -19.73
N THR D 156 -10.78 6.35 -18.83
CA THR D 156 -12.18 6.20 -19.25
C THR D 156 -13.06 7.37 -18.80
N TYR D 157 -12.44 8.53 -18.62
CA TYR D 157 -13.17 9.73 -18.24
C TYR D 157 -14.28 10.06 -19.24
N ASP D 158 -15.47 10.34 -18.72
CA ASP D 158 -16.64 10.57 -19.56
C ASP D 158 -16.88 12.07 -19.76
N TYR D 159 -16.26 12.63 -20.79
CA TYR D 159 -16.40 14.04 -21.11
C TYR D 159 -17.85 14.50 -21.37
N PRO D 160 -18.63 13.73 -22.18
CA PRO D 160 -20.01 14.17 -22.39
C PRO D 160 -20.85 14.22 -21.11
N LYS D 161 -20.58 13.30 -20.19
CA LYS D 161 -21.33 13.21 -18.94
C LYS D 161 -21.27 14.51 -18.14
N TYR D 162 -20.13 15.19 -18.16
CA TYR D 162 -19.96 16.41 -17.38
C TYR D 162 -19.89 17.66 -18.24
N GLN D 163 -20.20 17.53 -19.52
CA GLN D 163 -20.02 18.62 -20.48
C GLN D 163 -20.89 19.84 -20.15
N LYS D 164 -22.19 19.62 -19.97
CA LYS D 164 -23.13 20.72 -19.75
C LYS D 164 -22.85 21.44 -18.43
N GLU D 165 -22.61 20.65 -17.38
CA GLU D 165 -22.30 21.19 -16.06
C GLU D 165 -21.03 22.05 -16.11
N SER D 166 -20.00 21.53 -16.78
CA SER D 166 -18.74 22.25 -16.95
C SER D 166 -18.95 23.55 -17.70
N LYS D 167 -19.72 23.49 -18.80
CA LYS D 167 -20.02 24.65 -19.62
C LYS D 167 -20.65 25.78 -18.82
N LEU D 168 -21.67 25.45 -18.02
CA LEU D 168 -22.35 26.42 -17.18
C LEU D 168 -21.40 27.10 -16.19
N ASN D 169 -20.57 26.30 -15.53
CA ASN D 169 -19.62 26.83 -14.56
C ASN D 169 -18.49 27.59 -15.24
N ARG D 170 -18.10 27.16 -16.43
CA ARG D 170 -17.06 27.84 -17.20
C ARG D 170 -17.58 29.18 -17.71
N GLN D 171 -18.86 29.21 -18.04
CA GLN D 171 -19.49 30.41 -18.58
C GLN D 171 -20.54 30.97 -17.61
#